data_8FLT
#
_entry.id   8FLT
#
_cell.length_a   1.00
_cell.length_b   1.00
_cell.length_c   1.00
_cell.angle_alpha   90.00
_cell.angle_beta   90.00
_cell.angle_gamma   90.00
#
_symmetry.space_group_name_H-M   'P 1'
#
loop_
_entity.id
_entity.type
_entity.pdbx_description
1 polymer 'Guanine nucleotide-binding protein G(s) subunit alpha isoforms short'
2 polymer 'Guanine nucleotide-binding protein G(I)/G(S)/G(T) subunit beta-1'
3 polymer 'Guanine nucleotide-binding protein G(I)/G(S)/G(O) subunit gamma-2'
4 polymer Nanobody35
5 polymer M-PTH(1-14)
6 polymer 'Parathyroid hormone/parathyroid hormone-related peptide receptor'
#
loop_
_entity_poly.entity_id
_entity_poly.type
_entity_poly.pdbx_seq_one_letter_code
_entity_poly.pdbx_strand_id
1 'polypeptide(L)'
;MGCLGNSKTEDQRNEEKAQREANKKIEKQLQKDKQVYRATHRLLLLGAGESGKNTIVKQMRILHVNGFNGEGGEEDPQAA
RSNSDGEKATKVQDIKNNLKEAIETIVAAMSNLVPPVELANPENQFRVDYILSVMNVPDFDFPPEFYEHAKALWEDEGVR
ACYERSNEYQLIDCAQYFLDKIDVIKQADYVPSDQDLLRCRVLTSGIFETKFQVDKVNFHMFDVGAQRDERRKWIQCFND
VTAIIFVVASSSYNMVIREDNQTNRLQAALKLFDSIWNNKWLRDTSVILFLNKQDLLAEKVLAGKSKIEDYFPEFARYTT
PEDATPEPGEDPRVTRAKYFIRDEFLRISTASGDGRHYCYPHFTCAVDTENIRRVFNDCRDIIQRMHLRQYELL
;
A
2 'polypeptide(L)'
;QSELDQLRQEAEQLKNQIRDARKACADATLSQITNNIDPVGRIQMRTRRTLRGHLAKIYAMHWGTDSRLLVSASQDGKLI
IWDSYTTNKVHAIPLRSSWVMTCAYAPSGNYVACGGLDNICSIYNLKTREGNVRVSRELAGHTGYLSCCRFLDDNQIVTS
SGDTTCALWDIETGQQTTTFTGHTGDVMSLSLAPDTRLFVSGACDASAKLWDVREGMCRQTFTGHESDINAICFFPNGNA
FATGSDDATCRLFDLRADQELMTYSHDNIICGITSVSFSKSGRLLLAGYDDFNCNVWDALKADRAGVLAGHDNRVSCLGV
TDDGMAVATGSWDSFLKIWN
;
B
3 'polypeptide(L)' NTASIAQARKLVEQLKMEANIDRIKVSKAAADLMAYCEAHAKEDPLLTPVPASENPFR G
4 'polypeptide(L)'
;QVQLQESGGGLVQPGGSLRLSCAASGFTFSNYKMNWVRQAPGKGLEWVSDISQSGASISYTGSVKGRFTISRDNAKNTLY
LQMNSLKPEDTAVYYCARCPAPFTRDCFDVTSTTYAYRGQGTQVTVSS
;
N
5 'polypeptide(L)' (AIB)V(AIB)EIQLMHQ(HRG)AKW P
6 'polypeptide(L)'
;MKTIIALSYIFCLVFADYKDDDDLEVLFQGPADDVMTKEEQIFLLHRAQAQCEKRLKEVLQRPASIMESDKGWTSASTSG
KPRKDKASGKLYPESEEDKEAPTGSRYRGRPCLPEWDHILCWPLGAPGEVVAVPCPDYIYDFNHKGHAYRRCDRNGSWEL
VPGHNRTWANYSECVKFLTNETREREVFDRLGMIYTVGYSVSLASLTVAVLILAYFRRLHCTRNYIHMHLFLSFMLRAVS
IFVKDAVLYSGATLDEAERLTEEELRAIAQAPPPPATAAAGYAGCRVAVTFFLYFLATNYYWILVEGLYLHSLIFMAFFS
EKKYLWGFTVFGWGLPAVFVAVWVSVRATLANTGCWDLSSGNKKWIIQVPILASIVLNFILFINIVRVLATKLRETNAGR
CDTRQQYRKLLKSTLVLMPLFGVHYIVFMATPYTEVSGTLWQVQMHYEMLFNSFQGFFVAIIYCFCNGEVQAEIKKSWSR
WTLALDFKRKARSGSSSYSYGPMVSHTSVTNVGPRVGLGLPLSPRLLPTATTNGHPQLPGHAKPGTPALETLETTPPAMA
APKDDGFLNGSCSGLDEEASGPERPPALLQEEWETVMPAGLEVLFQGPHHHHHHHH
;
R
#
# COMPACT_ATOMS: atom_id res chain seq x y z
N GLN A 12 0.85 -27.30 -32.96
CA GLN A 12 0.60 -26.32 -31.91
C GLN A 12 1.26 -26.72 -30.59
N ARG A 13 1.45 -28.02 -30.36
CA ARG A 13 2.15 -28.46 -29.16
C ARG A 13 3.61 -28.03 -29.17
N ASN A 14 4.23 -27.90 -30.35
CA ASN A 14 5.58 -27.36 -30.40
C ASN A 14 5.62 -25.91 -29.94
N GLU A 15 4.63 -25.12 -30.37
CA GLU A 15 4.54 -23.73 -29.90
C GLU A 15 4.28 -23.68 -28.40
N GLU A 16 3.44 -24.58 -27.89
CA GLU A 16 3.19 -24.62 -26.45
C GLU A 16 4.46 -24.97 -25.68
N LYS A 17 5.24 -25.92 -26.19
CA LYS A 17 6.49 -26.29 -25.54
C LYS A 17 7.49 -25.15 -25.56
N ALA A 18 7.59 -24.44 -26.69
CA ALA A 18 8.50 -23.30 -26.76
C ALA A 18 8.06 -22.19 -25.79
N GLN A 19 6.76 -21.93 -25.72
CA GLN A 19 6.26 -20.92 -24.80
C GLN A 19 6.50 -21.31 -23.34
N ARG A 20 6.34 -22.60 -23.01
CA ARG A 20 6.60 -23.04 -21.64
C ARG A 20 8.09 -22.98 -21.31
N GLU A 21 8.96 -23.29 -22.28
CA GLU A 21 10.39 -23.15 -22.06
C GLU A 21 10.77 -21.69 -21.82
N ALA A 22 10.19 -20.78 -22.60
CA ALA A 22 10.43 -19.36 -22.38
C ALA A 22 9.91 -18.93 -21.02
N ASN A 23 8.75 -19.44 -20.61
CA ASN A 23 8.21 -19.11 -19.30
C ASN A 23 9.12 -19.60 -18.19
N LYS A 24 9.71 -20.78 -18.34
CA LYS A 24 10.61 -21.30 -17.31
C LYS A 24 11.91 -20.52 -17.24
N LYS A 25 12.47 -20.18 -18.41
CA LYS A 25 13.67 -19.35 -18.43
C LYS A 25 13.40 -17.97 -17.84
N ILE A 26 12.18 -17.46 -18.02
CA ILE A 26 11.79 -16.21 -17.37
C ILE A 26 11.65 -16.40 -15.87
N GLU A 27 11.06 -17.52 -15.45
CA GLU A 27 10.74 -17.72 -14.04
C GLU A 27 11.98 -17.93 -13.20
N LYS A 28 13.01 -18.57 -13.75
CA LYS A 28 14.25 -18.69 -12.99
C LYS A 28 14.91 -17.32 -12.78
N GLN A 29 14.90 -16.48 -13.81
CA GLN A 29 15.43 -15.13 -13.65
C GLN A 29 14.58 -14.31 -12.68
N LEU A 30 13.26 -14.54 -12.69
CA LEU A 30 12.40 -13.87 -11.72
C LEU A 30 12.67 -14.34 -10.30
N GLN A 31 13.05 -15.61 -10.13
CA GLN A 31 13.45 -16.10 -8.81
C GLN A 31 14.72 -15.41 -8.35
N LYS A 32 15.71 -15.30 -9.24
CA LYS A 32 16.95 -14.59 -8.87
C LYS A 32 16.67 -13.13 -8.56
N ASP A 33 15.83 -12.48 -9.37
CA ASP A 33 15.51 -11.07 -9.15
C ASP A 33 14.71 -10.87 -7.88
N LYS A 34 13.85 -11.82 -7.53
CA LYS A 34 13.14 -11.76 -6.25
C LYS A 34 14.09 -11.91 -5.09
N GLN A 35 15.09 -12.79 -5.22
CA GLN A 35 16.10 -12.92 -4.18
C GLN A 35 16.85 -11.61 -3.97
N VAL A 36 17.21 -10.96 -5.08
CA VAL A 36 17.92 -9.68 -4.96
C VAL A 36 17.00 -8.59 -4.40
N TYR A 37 15.75 -8.54 -4.87
CA TYR A 37 14.82 -7.51 -4.45
C TYR A 37 14.49 -7.60 -2.97
N ARG A 38 14.27 -8.81 -2.46
CA ARG A 38 13.95 -8.97 -1.05
C ARG A 38 15.16 -8.75 -0.15
N ALA A 39 16.36 -8.77 -0.71
CA ALA A 39 17.59 -8.58 0.07
C ALA A 39 18.04 -7.14 0.09
N THR A 40 17.26 -6.21 -0.46
CA THR A 40 17.62 -4.80 -0.47
C THR A 40 16.44 -3.99 0.04
N HIS A 41 16.75 -2.89 0.72
CA HIS A 41 15.74 -2.04 1.35
C HIS A 41 15.69 -0.71 0.61
N ARG A 42 14.48 -0.25 0.32
CA ARG A 42 14.27 0.98 -0.44
C ARG A 42 13.98 2.12 0.52
N LEU A 43 14.77 3.19 0.42
CA LEU A 43 14.66 4.34 1.30
C LEU A 43 14.28 5.55 0.46
N LEU A 44 13.16 6.18 0.80
CA LEU A 44 12.83 7.45 0.14
C LEU A 44 13.39 8.61 0.94
N LEU A 45 14.36 9.31 0.37
CA LEU A 45 14.99 10.44 1.03
C LEU A 45 14.24 11.71 0.63
N LEU A 46 13.59 12.35 1.60
CA LEU A 46 12.72 13.48 1.33
C LEU A 46 13.07 14.64 2.25
N GLY A 47 13.17 15.83 1.68
CA GLY A 47 13.51 17.01 2.44
C GLY A 47 13.70 18.24 1.57
N ALA A 48 13.61 19.42 2.17
CA ALA A 48 13.68 20.66 1.41
C ALA A 48 15.10 20.89 0.88
N GLY A 49 15.22 21.88 -0.02
CA GLY A 49 16.48 22.14 -0.68
C GLY A 49 17.60 22.57 0.25
N GLU A 50 17.33 23.46 1.19
CA GLU A 50 18.34 23.91 2.13
C GLU A 50 18.38 23.08 3.40
N SER A 51 17.63 21.98 3.46
CA SER A 51 17.61 21.11 4.64
C SER A 51 18.90 20.31 4.81
N GLY A 52 19.91 20.54 3.98
CA GLY A 52 21.13 19.77 4.07
C GLY A 52 21.02 18.36 3.52
N LYS A 53 19.93 18.05 2.83
CA LYS A 53 19.72 16.70 2.31
C LYS A 53 20.82 16.30 1.33
N ASN A 54 21.18 17.22 0.44
CA ASN A 54 22.23 16.93 -0.54
C ASN A 54 23.57 16.66 0.13
N THR A 55 23.87 17.35 1.24
CA THR A 55 25.07 17.05 1.99
C THR A 55 25.02 15.63 2.56
N ILE A 56 23.85 15.21 3.04
CA ILE A 56 23.70 13.85 3.54
C ILE A 56 23.94 12.84 2.42
N VAL A 57 23.39 13.11 1.23
CA VAL A 57 23.63 12.22 0.09
C VAL A 57 25.10 12.16 -0.24
N LYS A 58 25.78 13.30 -0.23
CA LYS A 58 27.21 13.32 -0.52
C LYS A 58 27.98 12.49 0.51
N GLN A 59 27.63 12.62 1.78
CA GLN A 59 28.31 11.83 2.82
C GLN A 59 28.07 10.34 2.60
N MET A 60 26.82 9.95 2.31
CA MET A 60 26.53 8.53 2.12
C MET A 60 27.14 7.98 0.84
N ARG A 61 27.45 8.85 -0.12
CA ARG A 61 28.07 8.38 -1.36
C ARG A 61 29.59 8.28 -1.23
N ILE A 62 30.24 9.29 -0.65
CA ILE A 62 31.70 9.29 -0.56
C ILE A 62 32.22 8.18 0.34
N SER A 205 17.96 14.46 -14.24
CA SER A 205 17.27 13.21 -13.96
C SER A 205 16.08 13.45 -13.02
N GLY A 206 14.98 12.76 -13.29
CA GLY A 206 13.79 12.88 -12.47
C GLY A 206 13.86 12.15 -11.15
N ILE A 207 14.91 11.37 -10.92
CA ILE A 207 15.14 10.71 -9.64
C ILE A 207 16.59 10.25 -9.62
N PHE A 208 17.19 10.27 -8.42
CA PHE A 208 18.58 9.88 -8.24
C PHE A 208 18.61 8.69 -7.29
N GLU A 209 19.29 7.62 -7.71
CA GLU A 209 19.35 6.38 -6.94
C GLU A 209 20.75 6.21 -6.39
N THR A 210 20.85 6.05 -5.07
CA THR A 210 22.12 5.83 -4.40
C THR A 210 22.09 4.45 -3.73
N LYS A 211 22.92 3.55 -4.21
CA LYS A 211 23.06 2.24 -3.59
C LYS A 211 24.22 2.27 -2.62
N PHE A 212 23.98 1.84 -1.39
CA PHE A 212 25.07 1.72 -0.44
C PHE A 212 24.88 0.46 0.39
N GLN A 213 25.95 0.04 1.05
CA GLN A 213 25.97 -1.22 1.76
C GLN A 213 26.56 -1.03 3.16
N VAL A 214 25.77 -1.33 4.16
CA VAL A 214 26.18 -1.23 5.56
C VAL A 214 26.06 -2.60 6.20
N ASP A 215 27.16 -3.08 6.79
CA ASP A 215 27.20 -4.40 7.42
C ASP A 215 26.72 -5.48 6.45
N LYS A 216 27.21 -5.42 5.21
CA LYS A 216 26.87 -6.38 4.16
C LYS A 216 25.37 -6.39 3.86
N VAL A 217 24.70 -5.28 4.13
CA VAL A 217 23.27 -5.14 3.88
C VAL A 217 23.07 -4.02 2.86
N ASN A 218 22.25 -4.27 1.85
CA ASN A 218 22.05 -3.33 0.76
C ASN A 218 20.91 -2.37 1.06
N PHE A 219 21.15 -1.09 0.81
CA PHE A 219 20.15 -0.05 0.91
C PHE A 219 20.12 0.74 -0.39
N HIS A 220 18.90 1.12 -0.79
CA HIS A 220 18.65 1.80 -2.05
C HIS A 220 17.90 3.08 -1.69
N MET A 221 18.59 4.22 -1.75
CA MET A 221 18.04 5.49 -1.29
C MET A 221 17.73 6.38 -2.49
N PHE A 222 16.53 6.94 -2.51
CA PHE A 222 16.01 7.65 -3.67
C PHE A 222 15.84 9.13 -3.35
N ASP A 223 16.66 9.96 -4.00
CA ASP A 223 16.58 11.41 -3.91
C ASP A 223 15.78 11.90 -5.11
N VAL A 224 14.53 12.27 -4.87
CA VAL A 224 13.60 12.58 -5.96
C VAL A 224 13.74 14.03 -6.42
N GLY A 225 14.63 14.25 -7.38
CA GLY A 225 14.78 15.57 -7.97
C GLY A 225 13.97 15.74 -9.23
N ALA A 226 14.04 16.95 -9.78
CA ALA A 226 13.39 17.28 -11.05
C ALA A 226 11.90 16.94 -11.04
N GLN A 227 11.25 17.12 -9.90
CA GLN A 227 9.81 16.94 -9.77
C GLN A 227 9.17 18.23 -9.28
N ARG A 228 7.88 18.37 -9.52
CA ARG A 228 7.16 19.55 -9.05
C ARG A 228 6.83 19.40 -7.56
N ASP A 229 6.49 20.52 -6.94
CA ASP A 229 6.21 20.56 -5.52
C ASP A 229 4.86 19.95 -5.16
N GLU A 230 4.03 19.61 -6.13
CA GLU A 230 2.76 18.94 -5.87
C GLU A 230 3.03 17.44 -5.78
N ARG A 231 3.27 16.96 -4.56
CA ARG A 231 3.73 15.61 -4.33
C ARG A 231 2.61 14.61 -4.10
N ARG A 232 1.35 15.04 -4.10
CA ARG A 232 0.27 14.18 -3.62
C ARG A 232 0.04 12.97 -4.52
N LYS A 233 0.63 12.94 -5.72
CA LYS A 233 0.44 11.83 -6.64
C LYS A 233 1.63 10.88 -6.70
N TRP A 234 2.84 11.41 -6.94
CA TRP A 234 3.98 10.50 -7.07
C TRP A 234 4.43 9.97 -5.71
N ILE A 235 4.05 10.63 -4.62
CA ILE A 235 4.42 10.13 -3.30
C ILE A 235 3.80 8.76 -3.05
N GLN A 236 2.66 8.49 -3.68
CA GLN A 236 2.00 7.20 -3.55
C GLN A 236 2.88 6.07 -4.10
N CYS A 237 3.88 6.40 -4.92
CA CYS A 237 4.80 5.37 -5.39
C CYS A 237 5.61 4.78 -4.24
N PHE A 238 5.87 5.57 -3.21
CA PHE A 238 6.77 5.16 -2.13
C PHE A 238 6.03 4.61 -0.92
N ASN A 239 4.90 3.93 -1.12
CA ASN A 239 4.22 3.30 -0.01
C ASN A 239 4.80 1.93 0.34
N ASP A 240 5.64 1.36 -0.53
CA ASP A 240 6.25 0.06 -0.29
C ASP A 240 7.71 0.16 0.10
N VAL A 241 8.21 1.38 0.33
CA VAL A 241 9.59 1.54 0.80
C VAL A 241 9.66 1.14 2.27
N THR A 242 10.85 0.70 2.69
CA THR A 242 11.03 0.31 4.09
C THR A 242 10.99 1.53 5.00
N ALA A 243 11.48 2.67 4.52
CA ALA A 243 11.55 3.87 5.34
C ALA A 243 11.59 5.10 4.45
N ILE A 244 10.86 6.13 4.87
CA ILE A 244 11.01 7.47 4.30
C ILE A 244 11.90 8.26 5.24
N ILE A 245 13.16 8.43 4.86
CA ILE A 245 14.04 9.33 5.59
C ILE A 245 13.54 10.74 5.37
N PHE A 246 13.30 11.46 6.45
CA PHE A 246 12.80 12.84 6.39
C PHE A 246 13.88 13.74 6.95
N VAL A 247 14.27 14.74 6.17
CA VAL A 247 15.28 15.71 6.58
C VAL A 247 14.60 17.05 6.77
N VAL A 248 14.69 17.59 7.98
CA VAL A 248 14.03 18.82 8.36
C VAL A 248 15.08 19.89 8.62
N ALA A 249 14.88 21.07 8.06
CA ALA A 249 15.74 22.21 8.38
C ALA A 249 15.36 22.72 9.77
N SER A 250 16.02 22.16 10.79
CA SER A 250 15.63 22.39 12.18
C SER A 250 15.72 23.87 12.57
N SER A 251 16.81 24.54 12.18
CA SER A 251 17.04 25.91 12.59
C SER A 251 16.60 26.91 11.55
N SER A 252 15.56 26.58 10.79
CA SER A 252 15.03 27.46 9.75
C SER A 252 13.65 27.99 10.10
N GLN A 262 8.49 32.50 2.78
CA GLN A 262 8.21 31.57 3.86
C GLN A 262 8.54 32.18 5.21
N THR A 263 7.53 32.74 5.87
CA THR A 263 7.74 33.34 7.19
C THR A 263 7.96 32.28 8.25
N ASN A 264 7.56 31.03 7.99
CA ASN A 264 7.73 29.94 8.96
C ASN A 264 7.97 28.67 8.15
N ARG A 265 9.25 28.32 7.97
CA ARG A 265 9.62 27.15 7.19
C ARG A 265 9.37 25.86 7.96
N LEU A 266 9.66 25.85 9.27
CA LEU A 266 9.47 24.65 10.06
C LEU A 266 8.00 24.29 10.17
N GLN A 267 7.11 25.28 10.14
CA GLN A 267 5.68 24.98 10.09
C GLN A 267 5.31 24.24 8.81
N ALA A 268 5.87 24.66 7.67
CA ALA A 268 5.63 23.95 6.42
C ALA A 268 6.18 22.54 6.48
N ALA A 269 7.36 22.36 7.08
CA ALA A 269 7.90 21.01 7.24
C ALA A 269 6.99 20.16 8.13
N LEU A 270 6.46 20.74 9.20
CA LEU A 270 5.54 20.02 10.07
C LEU A 270 4.28 19.62 9.34
N LYS A 271 3.73 20.50 8.50
CA LYS A 271 2.56 20.16 7.72
C LYS A 271 2.85 19.07 6.70
N LEU A 272 4.04 19.10 6.09
CA LEU A 272 4.42 18.04 5.16
C LEU A 272 4.50 16.69 5.88
N PHE A 273 5.12 16.68 7.06
CA PHE A 273 5.20 15.46 7.85
C PHE A 273 3.81 14.99 8.27
N ASP A 274 2.92 15.92 8.63
CA ASP A 274 1.56 15.56 9.01
C ASP A 274 0.81 14.93 7.83
N SER A 275 0.92 15.54 6.65
CA SER A 275 0.25 15.02 5.47
C SER A 275 0.78 13.65 5.09
N ILE A 276 2.09 13.44 5.22
CA ILE A 276 2.65 12.11 4.99
C ILE A 276 2.09 11.11 6.01
N TRP A 277 2.05 11.52 7.27
CA TRP A 277 1.62 10.62 8.34
C TRP A 277 0.17 10.19 8.15
N ASN A 278 -0.70 11.12 7.78
CA ASN A 278 -2.13 10.84 7.68
C ASN A 278 -2.56 10.34 6.30
N ASN A 279 -1.66 10.28 5.33
CA ASN A 279 -2.03 9.81 4.00
C ASN A 279 -2.31 8.30 4.05
N LYS A 280 -3.39 7.89 3.39
CA LYS A 280 -3.90 6.53 3.57
C LYS A 280 -2.96 5.47 3.02
N TRP A 281 -2.15 5.80 2.02
CA TRP A 281 -1.22 4.81 1.48
C TRP A 281 0.09 4.79 2.24
N LEU A 282 0.51 5.93 2.79
CA LEU A 282 1.71 6.01 3.59
C LEU A 282 1.46 5.73 5.06
N ARG A 283 0.23 5.42 5.45
CA ARG A 283 -0.09 5.14 6.85
C ARG A 283 0.52 3.84 7.34
N ASP A 284 1.03 3.01 6.45
CA ASP A 284 1.72 1.79 6.84
C ASP A 284 3.23 1.92 6.75
N THR A 285 3.73 2.90 6.01
CA THR A 285 5.16 3.10 5.80
C THR A 285 5.72 3.93 6.95
N SER A 286 6.87 3.51 7.47
CA SER A 286 7.50 4.21 8.58
C SER A 286 8.45 5.28 8.08
N VAL A 287 8.75 6.22 8.95
CA VAL A 287 9.52 7.42 8.61
C VAL A 287 10.73 7.50 9.55
N ILE A 288 11.88 7.81 8.99
CA ILE A 288 13.06 8.16 9.76
C ILE A 288 13.20 9.68 9.69
N LEU A 289 13.35 10.31 10.85
CA LEU A 289 13.28 11.76 10.95
C LEU A 289 14.66 12.30 11.29
N PHE A 290 15.18 13.19 10.45
CA PHE A 290 16.48 13.81 10.64
C PHE A 290 16.29 15.31 10.80
N LEU A 291 16.77 15.85 11.91
CA LEU A 291 16.77 17.29 12.13
C LEU A 291 18.20 17.78 11.88
N ASN A 292 18.43 18.18 10.62
CA ASN A 292 19.77 18.29 10.06
C ASN A 292 20.41 19.67 10.23
N LYS A 293 20.03 20.41 11.26
CA LYS A 293 20.58 21.75 11.45
C LYS A 293 20.95 21.96 12.91
N GLN A 294 21.63 20.98 13.50
CA GLN A 294 21.94 21.08 14.93
C GLN A 294 23.04 22.10 15.21
N ASP A 295 24.11 22.12 14.42
CA ASP A 295 25.15 23.13 14.63
C ASP A 295 24.61 24.53 14.39
N LEU A 296 23.82 24.70 13.34
CA LEU A 296 23.22 26.00 13.05
C LEU A 296 22.20 26.37 14.13
N LEU A 297 21.46 25.38 14.64
CA LEU A 297 20.54 25.64 15.74
C LEU A 297 21.28 26.11 16.98
N ALA A 298 22.41 25.47 17.29
CA ALA A 298 23.21 25.91 18.43
C ALA A 298 23.71 27.33 18.24
N GLU A 299 24.22 27.63 17.04
CA GLU A 299 24.71 28.97 16.76
C GLU A 299 23.61 30.00 16.90
N LYS A 300 22.41 29.68 16.43
CA LYS A 300 21.30 30.63 16.48
C LYS A 300 20.81 30.85 17.90
N VAL A 301 20.59 29.77 18.66
CA VAL A 301 20.00 29.92 19.98
C VAL A 301 21.01 30.50 20.97
N LEU A 302 22.30 30.18 20.81
CA LEU A 302 23.30 30.76 21.71
C LEU A 302 23.47 32.25 21.47
N ALA A 303 23.29 32.71 20.23
CA ALA A 303 23.41 34.13 19.92
C ALA A 303 22.20 34.94 20.35
N GLY A 304 21.14 34.29 20.81
CA GLY A 304 19.96 35.01 21.24
C GLY A 304 19.05 35.49 20.14
N LYS A 305 19.27 35.06 18.91
CA LYS A 305 18.45 35.47 17.77
C LYS A 305 17.29 34.51 17.50
N SER A 306 17.12 33.47 18.31
CA SER A 306 16.06 32.50 18.11
C SER A 306 14.68 33.13 18.22
N LYS A 307 14.32 33.58 19.42
CA LYS A 307 13.00 34.14 19.71
C LYS A 307 11.89 33.23 19.18
N ILE A 308 11.95 31.96 19.57
CA ILE A 308 11.02 30.97 19.02
C ILE A 308 9.64 31.12 19.64
N GLU A 309 9.54 31.79 20.79
CA GLU A 309 8.25 31.91 21.47
C GLU A 309 7.23 32.76 20.71
N ASP A 310 7.53 33.35 19.55
CA ASP A 310 6.50 34.00 18.75
C ASP A 310 6.17 33.27 17.46
N TYR A 311 7.11 32.53 16.88
CA TYR A 311 6.79 31.66 15.75
C TYR A 311 6.11 30.38 16.22
N PHE A 312 6.46 29.89 17.41
CA PHE A 312 5.75 28.80 18.07
C PHE A 312 5.51 29.22 19.51
N PRO A 313 4.28 29.65 19.84
CA PRO A 313 4.00 30.10 21.21
C PRO A 313 4.17 29.02 22.26
N GLU A 314 4.12 27.74 21.88
CA GLU A 314 4.27 26.66 22.85
C GLU A 314 5.61 26.72 23.56
N PHE A 315 6.61 27.37 22.95
CA PHE A 315 7.93 27.53 23.57
C PHE A 315 7.89 28.43 24.80
N ALA A 316 6.78 29.13 25.04
CA ALA A 316 6.67 29.96 26.24
C ALA A 316 6.34 29.17 27.48
N ARG A 317 5.88 27.92 27.34
CA ARG A 317 5.55 27.08 28.49
C ARG A 317 6.17 25.70 28.45
N TYR A 318 6.75 25.28 27.33
CA TYR A 318 7.35 23.96 27.22
C TYR A 318 8.57 23.84 28.12
N THR A 319 8.62 22.75 28.90
CA THR A 319 9.78 22.41 29.71
C THR A 319 10.34 21.07 29.25
N THR A 320 11.65 20.92 29.36
CA THR A 320 12.32 19.73 28.86
C THR A 320 11.76 18.49 29.57
N PRO A 321 11.37 17.45 28.83
CA PRO A 321 10.94 16.22 29.49
C PRO A 321 12.09 15.57 30.26
N GLU A 322 11.72 14.84 31.32
CA GLU A 322 12.72 14.30 32.24
C GLU A 322 13.66 13.31 31.57
N ASP A 323 13.20 12.53 30.59
CA ASP A 323 14.03 11.54 29.95
C ASP A 323 14.94 12.11 28.88
N ALA A 324 14.73 13.37 28.48
CA ALA A 324 15.49 13.99 27.40
C ALA A 324 16.89 14.31 27.92
N THR A 325 17.81 13.39 27.71
CA THR A 325 19.18 13.59 28.16
C THR A 325 19.89 14.58 27.23
N PRO A 326 20.34 15.72 27.73
CA PRO A 326 21.12 16.63 26.89
C PRO A 326 22.49 16.05 26.55
N GLU A 327 23.04 16.49 25.42
CA GLU A 327 24.37 16.08 25.03
C GLU A 327 25.41 16.65 26.00
N PRO A 328 26.54 15.97 26.16
CA PRO A 328 27.61 16.51 27.02
C PRO A 328 28.12 17.84 26.48
N GLY A 329 28.38 18.77 27.40
CA GLY A 329 28.87 20.08 27.04
C GLY A 329 27.88 20.93 26.27
N GLU A 330 26.62 20.54 26.22
CA GLU A 330 25.63 21.26 25.42
C GLU A 330 24.81 22.21 26.28
N ASP A 331 24.57 23.41 25.75
CA ASP A 331 23.83 24.42 26.49
C ASP A 331 22.38 23.98 26.67
N PRO A 332 21.75 24.30 27.81
CA PRO A 332 20.34 23.94 28.01
C PRO A 332 19.40 24.53 26.97
N ARG A 333 19.68 25.74 26.46
CA ARG A 333 18.82 26.33 25.44
C ARG A 333 18.82 25.51 24.16
N VAL A 334 19.99 25.05 23.73
CA VAL A 334 20.10 24.23 22.53
C VAL A 334 19.29 22.94 22.70
N THR A 335 19.47 22.29 23.86
CA THR A 335 18.75 21.05 24.14
C THR A 335 17.25 21.28 24.15
N ARG A 336 16.80 22.35 24.80
CA ARG A 336 15.37 22.63 24.88
C ARG A 336 14.78 22.92 23.51
N ALA A 337 15.49 23.69 22.68
CA ALA A 337 14.98 23.98 21.34
C ALA A 337 14.90 22.72 20.48
N LYS A 338 15.98 21.93 20.46
CA LYS A 338 15.99 20.74 19.62
C LYS A 338 14.93 19.74 20.07
N TYR A 339 14.77 19.57 21.38
CA TYR A 339 13.75 18.64 21.85
C TYR A 339 12.36 19.21 21.71
N PHE A 340 12.20 20.53 21.65
CA PHE A 340 10.90 21.12 21.35
C PHE A 340 10.48 20.81 19.93
N ILE A 341 11.43 20.91 18.98
CA ILE A 341 11.15 20.54 17.60
C ILE A 341 10.80 19.06 17.52
N ARG A 342 11.59 18.22 18.19
CA ARG A 342 11.30 16.78 18.25
C ARG A 342 9.91 16.52 18.80
N ASP A 343 9.52 17.27 19.85
CA ASP A 343 8.21 17.04 20.46
C ASP A 343 7.08 17.55 19.58
N GLU A 344 7.30 18.56 18.75
CA GLU A 344 6.29 18.93 17.76
C GLU A 344 6.08 17.80 16.76
N PHE A 345 7.18 17.25 16.24
CA PHE A 345 7.05 16.13 15.30
C PHE A 345 6.41 14.93 15.98
N LEU A 346 6.69 14.71 17.27
CA LEU A 346 6.07 13.60 18.00
C LEU A 346 4.60 13.86 18.28
N ARG A 347 4.22 15.12 18.52
CA ARG A 347 2.81 15.45 18.69
C ARG A 347 2.04 15.14 17.42
N ILE A 348 2.63 15.42 16.26
CA ILE A 348 2.01 14.97 15.01
C ILE A 348 1.99 13.44 14.93
N SER A 349 3.12 12.81 15.23
CA SER A 349 3.28 11.39 14.93
C SER A 349 2.52 10.51 15.91
N THR A 350 2.53 10.84 17.20
CA THR A 350 1.85 10.00 18.18
C THR A 350 0.33 10.12 18.09
N ALA A 351 -0.19 11.15 17.45
CA ALA A 351 -1.63 11.31 17.27
C ALA A 351 -2.07 10.46 16.08
N SER A 352 -2.96 9.49 16.34
CA SER A 352 -3.49 8.59 15.32
C SER A 352 -2.39 7.78 14.65
N GLY A 353 -1.32 7.48 15.40
CA GLY A 353 -0.32 6.57 14.92
C GLY A 353 -0.82 5.15 14.75
N ASP A 354 -1.57 4.66 15.73
CA ASP A 354 -2.27 3.37 15.69
C ASP A 354 -1.33 2.17 15.59
N GLY A 355 -0.02 2.38 15.72
CA GLY A 355 0.92 1.29 15.74
C GLY A 355 1.21 0.64 14.41
N ARG A 356 0.57 1.09 13.32
CA ARG A 356 0.83 0.54 12.00
C ARG A 356 2.11 1.07 11.37
N HIS A 357 2.62 2.20 11.85
CA HIS A 357 3.86 2.77 11.36
C HIS A 357 4.46 3.63 12.45
N TYR A 358 5.77 3.83 12.39
CA TYR A 358 6.51 4.46 13.46
C TYR A 358 7.44 5.54 12.91
N CYS A 359 8.00 6.31 13.83
CA CYS A 359 8.86 7.44 13.49
C CYS A 359 10.11 7.37 14.36
N TYR A 360 11.25 7.81 13.79
CA TYR A 360 12.55 7.72 14.46
C TYR A 360 13.20 9.09 14.42
N PRO A 361 12.86 9.98 15.36
CA PRO A 361 13.49 11.31 15.38
C PRO A 361 14.96 11.23 15.78
N HIS A 362 15.82 11.76 14.92
CA HIS A 362 17.26 11.79 15.13
C HIS A 362 17.79 13.20 14.94
N PHE A 363 18.56 13.68 15.90
CA PHE A 363 19.24 14.96 15.78
C PHE A 363 20.54 14.75 15.02
N THR A 364 20.60 15.23 13.77
CA THR A 364 21.72 14.98 12.89
C THR A 364 22.39 16.29 12.48
N CYS A 365 23.68 16.21 12.20
CA CYS A 365 24.34 17.28 11.48
C CYS A 365 24.42 16.92 10.00
N ALA A 366 24.80 17.89 9.17
CA ALA A 366 24.88 17.65 7.73
C ALA A 366 25.99 16.67 7.39
N VAL A 367 27.08 16.65 8.15
CA VAL A 367 28.26 15.87 7.78
C VAL A 367 28.52 14.74 8.77
N ASP A 368 27.51 14.37 9.57
CA ASP A 368 27.67 13.26 10.51
C ASP A 368 27.99 11.97 9.77
N THR A 369 29.02 11.26 10.24
CA THR A 369 29.28 9.91 9.74
C THR A 369 28.34 8.89 10.34
N GLU A 370 27.71 9.21 11.47
CA GLU A 370 26.78 8.30 12.13
C GLU A 370 25.51 8.08 11.31
N ASN A 371 25.23 8.94 10.33
CA ASN A 371 23.93 8.92 9.67
C ASN A 371 23.66 7.59 8.99
N ILE A 372 24.62 7.08 8.23
CA ILE A 372 24.42 5.79 7.56
C ILE A 372 24.15 4.70 8.57
N ARG A 373 24.73 4.83 9.77
CA ARG A 373 24.42 3.87 10.84
C ARG A 373 23.01 4.08 11.36
N ARG A 374 22.62 5.33 11.59
CA ARG A 374 21.33 5.62 12.20
C ARG A 374 20.20 4.99 11.40
N VAL A 375 20.15 5.27 10.11
CA VAL A 375 19.13 4.68 9.23
C VAL A 375 19.19 3.17 9.33
N PHE A 376 20.40 2.60 9.30
CA PHE A 376 20.53 1.16 9.54
C PHE A 376 19.79 0.75 10.79
N ASN A 377 20.18 1.32 11.94
CA ASN A 377 19.57 0.90 13.20
C ASN A 377 18.10 1.24 13.24
N ASP A 378 17.63 2.10 12.35
CA ASP A 378 16.21 2.32 12.22
C ASP A 378 15.58 1.28 11.31
N CYS A 379 16.15 1.09 10.12
CA CYS A 379 15.59 0.13 9.17
C CYS A 379 15.48 -1.25 9.80
N ARG A 380 16.58 -1.73 10.39
CA ARG A 380 16.54 -3.02 11.07
C ARG A 380 15.38 -3.08 12.03
N ASP A 381 15.25 -2.06 12.89
CA ASP A 381 14.16 -2.06 13.85
C ASP A 381 12.82 -2.18 13.15
N ILE A 382 12.62 -1.40 12.09
CA ILE A 382 11.36 -1.47 11.36
C ILE A 382 11.09 -2.90 10.92
N ILE A 383 12.10 -3.54 10.32
CA ILE A 383 11.91 -4.91 9.85
C ILE A 383 11.43 -5.78 11.00
N GLN A 384 12.12 -5.69 12.15
CA GLN A 384 11.76 -6.53 13.28
C GLN A 384 10.30 -6.30 13.67
N ARG A 385 9.89 -5.04 13.74
CA ARG A 385 8.51 -4.76 14.15
C ARG A 385 7.53 -5.36 13.16
N MET A 386 7.83 -5.27 11.86
CA MET A 386 6.95 -5.87 10.87
C MET A 386 6.81 -7.37 11.13
N HIS A 387 7.94 -8.03 11.44
CA HIS A 387 7.87 -9.44 11.78
C HIS A 387 7.00 -9.65 12.99
N LEU A 388 7.18 -8.81 14.02
CA LEU A 388 6.38 -8.96 15.22
C LEU A 388 4.94 -8.57 14.98
N ARG A 389 4.66 -7.87 13.88
CA ARG A 389 3.27 -7.60 13.52
C ARG A 389 2.62 -8.83 12.89
N GLN A 390 3.42 -9.65 12.21
CA GLN A 390 2.88 -10.84 11.54
C GLN A 390 2.45 -11.92 12.53
N TYR A 391 3.08 -11.97 13.71
CA TYR A 391 2.73 -12.92 14.74
C TYR A 391 1.67 -12.40 15.69
N GLU A 392 1.08 -11.25 15.38
CA GLU A 392 0.10 -10.58 16.22
C GLU A 392 0.66 -10.24 17.59
N LEU A 393 1.99 -10.13 17.69
CA LEU A 393 2.62 -9.71 18.94
C LEU A 393 2.59 -8.20 19.13
N LEU A 394 2.54 -7.45 18.03
CA LEU A 394 2.47 -5.99 18.12
C LEU A 394 1.38 -5.45 17.19
N GLU B 3 -4.78 44.28 -19.81
CA GLU B 3 -4.86 44.46 -18.37
C GLU B 3 -5.30 43.16 -17.70
N LEU B 4 -4.60 42.80 -16.61
CA LEU B 4 -4.91 41.56 -15.92
C LEU B 4 -6.32 41.55 -15.35
N ASP B 5 -6.76 42.67 -14.77
CA ASP B 5 -8.13 42.74 -14.27
C ASP B 5 -9.15 42.66 -15.40
N GLN B 6 -8.86 43.32 -16.53
CA GLN B 6 -9.73 43.23 -17.69
C GLN B 6 -9.79 41.81 -18.22
N LEU B 7 -8.64 41.13 -18.26
CA LEU B 7 -8.63 39.73 -18.71
C LEU B 7 -9.43 38.85 -17.76
N ARG B 8 -9.31 39.08 -16.45
CA ARG B 8 -10.08 38.29 -15.50
C ARG B 8 -11.58 38.52 -15.66
N GLN B 9 -11.99 39.78 -15.86
CA GLN B 9 -13.41 40.08 -16.08
C GLN B 9 -13.92 39.43 -17.35
N GLU B 10 -13.13 39.50 -18.42
CA GLU B 10 -13.52 38.86 -19.68
C GLU B 10 -13.60 37.35 -19.52
N ALA B 11 -12.68 36.76 -18.79
CA ALA B 11 -12.71 35.31 -18.56
C ALA B 11 -13.94 34.91 -17.77
N GLU B 12 -14.30 35.69 -16.75
CA GLU B 12 -15.51 35.40 -15.99
C GLU B 12 -16.75 35.51 -16.87
N GLN B 13 -16.82 36.54 -17.71
CA GLN B 13 -17.95 36.67 -18.62
C GLN B 13 -18.03 35.51 -19.60
N LEU B 14 -16.89 35.09 -20.13
CA LEU B 14 -16.86 33.95 -21.05
C LEU B 14 -17.31 32.68 -20.35
N LYS B 15 -16.87 32.47 -19.10
CA LYS B 15 -17.29 31.29 -18.36
C LYS B 15 -18.80 31.31 -18.12
N ASN B 16 -19.35 32.48 -17.80
CA ASN B 16 -20.80 32.60 -17.62
C ASN B 16 -21.53 32.31 -18.92
N GLN B 17 -21.02 32.82 -20.04
CA GLN B 17 -21.64 32.54 -21.34
C GLN B 17 -21.61 31.05 -21.66
N ILE B 18 -20.48 30.39 -21.36
CA ILE B 18 -20.37 28.95 -21.60
C ILE B 18 -21.38 28.19 -20.74
N ARG B 19 -21.51 28.60 -19.47
CA ARG B 19 -22.47 27.94 -18.59
C ARG B 19 -23.90 28.14 -19.09
N ASP B 20 -24.22 29.34 -19.55
CA ASP B 20 -25.56 29.59 -20.10
C ASP B 20 -25.81 28.78 -21.37
N ALA B 21 -24.81 28.66 -22.24
CA ALA B 21 -24.98 27.86 -23.45
C ALA B 21 -25.20 26.39 -23.11
N ARG B 22 -24.44 25.87 -22.15
CA ARG B 22 -24.62 24.49 -21.73
C ARG B 22 -25.99 24.27 -21.10
N LYS B 23 -26.46 25.24 -20.30
CA LYS B 23 -27.80 25.15 -19.73
C LYS B 23 -28.87 25.16 -20.82
N ALA B 24 -28.68 25.99 -21.85
CA ALA B 24 -29.64 26.03 -22.94
C ALA B 24 -29.67 24.71 -23.70
N CYS B 25 -28.51 24.09 -23.91
CA CYS B 25 -28.47 22.84 -24.66
C CYS B 25 -29.03 21.66 -23.88
N ALA B 26 -29.12 21.76 -22.55
CA ALA B 26 -29.60 20.64 -21.74
C ALA B 26 -31.12 20.61 -21.67
N ASP B 27 -31.77 20.35 -22.80
CA ASP B 27 -33.24 20.29 -22.82
C ASP B 27 -33.79 19.00 -22.21
N ALA B 28 -33.04 17.89 -22.27
CA ALA B 28 -33.49 16.62 -21.74
C ALA B 28 -32.34 15.94 -21.02
N THR B 29 -32.69 15.10 -20.05
CA THR B 29 -31.69 14.37 -19.30
C THR B 29 -31.50 12.97 -19.89
N LEU B 30 -30.31 12.40 -19.67
CA LEU B 30 -30.04 11.05 -20.16
C LEU B 30 -30.92 10.04 -19.44
N SER B 31 -31.23 10.27 -18.17
CA SER B 31 -32.13 9.38 -17.44
C SER B 31 -33.52 9.36 -18.07
N GLN B 32 -34.04 10.54 -18.46
CA GLN B 32 -35.32 10.60 -19.15
C GLN B 32 -35.24 9.96 -20.53
N ILE B 33 -34.12 10.18 -21.24
CA ILE B 33 -33.98 9.63 -22.58
C ILE B 33 -33.89 8.10 -22.53
N THR B 34 -33.13 7.57 -21.59
CA THR B 34 -32.97 6.12 -21.44
C THR B 34 -34.03 5.51 -20.53
N ASN B 35 -35.17 6.18 -20.36
CA ASN B 35 -36.20 5.67 -19.45
C ASN B 35 -36.83 4.40 -19.98
N ASN B 36 -36.89 4.24 -21.31
CA ASN B 36 -37.51 3.08 -21.93
C ASN B 36 -36.56 1.89 -22.05
N ILE B 37 -35.28 2.04 -21.72
CA ILE B 37 -34.35 0.94 -21.82
C ILE B 37 -34.40 0.11 -20.54
N ASP B 38 -34.60 -1.20 -20.71
CA ASP B 38 -34.69 -2.08 -19.56
C ASP B 38 -33.32 -2.22 -18.88
N PRO B 39 -33.30 -2.33 -17.56
CA PRO B 39 -32.02 -2.51 -16.85
C PRO B 39 -31.33 -3.81 -17.24
N VAL B 40 -30.00 -3.78 -17.20
CA VAL B 40 -29.21 -4.95 -17.58
C VAL B 40 -29.21 -6.04 -16.52
N GLY B 41 -29.76 -5.77 -15.33
CA GLY B 41 -29.75 -6.74 -14.27
C GLY B 41 -28.45 -6.80 -13.51
N ARG B 42 -28.05 -7.99 -13.08
CA ARG B 42 -26.81 -8.19 -12.34
C ARG B 42 -25.78 -8.82 -13.26
N ILE B 43 -24.59 -8.22 -13.33
CA ILE B 43 -23.51 -8.70 -14.18
C ILE B 43 -22.56 -9.48 -13.27
N GLN B 44 -22.67 -10.80 -13.31
CA GLN B 44 -21.87 -11.68 -12.46
C GLN B 44 -20.63 -12.12 -13.23
N MET B 45 -19.56 -11.34 -13.11
CA MET B 45 -18.28 -11.71 -13.68
C MET B 45 -17.45 -12.48 -12.67
N ARG B 46 -16.64 -13.41 -13.18
CA ARG B 46 -15.79 -14.24 -12.33
C ARG B 46 -14.37 -14.21 -12.87
N THR B 47 -13.42 -14.46 -11.97
CA THR B 47 -12.02 -14.47 -12.35
C THR B 47 -11.68 -15.77 -13.07
N ARG B 48 -11.12 -15.65 -14.27
CA ARG B 48 -10.73 -16.80 -15.07
C ARG B 48 -9.24 -17.05 -15.05
N ARG B 49 -8.41 -16.01 -14.95
CA ARG B 49 -6.97 -16.17 -14.88
C ARG B 49 -6.43 -15.25 -13.80
N THR B 50 -5.40 -15.72 -13.08
CA THR B 50 -4.66 -14.89 -12.15
C THR B 50 -3.20 -14.94 -12.56
N LEU B 51 -2.64 -13.78 -12.88
CA LEU B 51 -1.30 -13.68 -13.43
C LEU B 51 -0.34 -13.29 -12.31
N ARG B 52 0.52 -14.24 -11.92
CA ARG B 52 1.43 -14.07 -10.80
C ARG B 52 2.86 -13.94 -11.32
N GLY B 53 3.69 -13.22 -10.59
CA GLY B 53 5.06 -13.01 -11.00
C GLY B 53 5.62 -11.65 -10.67
N HIS B 54 4.76 -10.64 -10.56
CA HIS B 54 5.20 -9.32 -10.14
C HIS B 54 5.43 -9.28 -8.64
N LEU B 55 6.47 -8.58 -8.22
CA LEU B 55 6.82 -8.48 -6.81
C LEU B 55 6.20 -7.28 -6.12
N ALA B 56 6.40 -6.08 -6.68
CA ALA B 56 5.89 -4.86 -6.11
C ALA B 56 4.49 -4.58 -6.63
N LYS B 57 3.93 -3.44 -6.23
CA LYS B 57 2.58 -3.10 -6.64
C LYS B 57 2.53 -2.83 -8.14
N ILE B 58 1.57 -3.45 -8.82
CA ILE B 58 1.43 -3.29 -10.26
C ILE B 58 0.73 -1.97 -10.52
N TYR B 59 1.39 -1.10 -11.30
CA TYR B 59 0.91 0.27 -11.39
C TYR B 59 0.17 0.55 -12.70
N ALA B 60 0.37 -0.28 -13.72
CA ALA B 60 -0.31 -0.11 -14.99
C ALA B 60 -0.35 -1.44 -15.73
N MET B 61 -1.27 -1.52 -16.69
CA MET B 61 -1.28 -2.60 -17.65
C MET B 61 -1.92 -2.09 -18.93
N HIS B 62 -1.70 -2.81 -20.03
CA HIS B 62 -2.34 -2.45 -21.28
C HIS B 62 -2.50 -3.72 -22.12
N TRP B 63 -3.69 -3.88 -22.69
CA TRP B 63 -3.98 -5.06 -23.49
C TRP B 63 -3.35 -4.95 -24.87
N GLY B 64 -3.13 -6.10 -25.50
CA GLY B 64 -2.71 -6.12 -26.88
C GLY B 64 -3.88 -6.06 -27.84
N THR B 65 -3.58 -5.63 -29.07
CA THR B 65 -4.61 -5.59 -30.09
C THR B 65 -5.05 -6.98 -30.52
N ASP B 66 -4.24 -8.00 -30.28
CA ASP B 66 -4.70 -9.37 -30.51
C ASP B 66 -5.63 -9.85 -29.41
N SER B 67 -5.79 -9.08 -28.34
CA SER B 67 -6.65 -9.41 -27.21
C SER B 67 -6.18 -10.64 -26.45
N ARG B 68 -4.93 -11.05 -26.68
CA ARG B 68 -4.36 -12.23 -26.05
C ARG B 68 -3.14 -11.90 -25.21
N LEU B 69 -2.18 -11.17 -25.76
CA LEU B 69 -1.01 -10.74 -25.01
C LEU B 69 -1.28 -9.40 -24.33
N LEU B 70 -0.61 -9.17 -23.21
CA LEU B 70 -0.77 -7.91 -22.50
C LEU B 70 0.47 -7.61 -21.67
N VAL B 71 0.84 -6.34 -21.62
CA VAL B 71 2.00 -5.89 -20.86
C VAL B 71 1.54 -5.38 -19.50
N SER B 72 2.36 -5.60 -18.48
CA SER B 72 2.06 -5.11 -17.14
C SER B 72 3.33 -4.58 -16.51
N ALA B 73 3.23 -3.39 -15.91
CA ALA B 73 4.36 -2.71 -15.31
C ALA B 73 4.24 -2.76 -13.79
N SER B 74 5.30 -3.22 -13.13
CA SER B 74 5.34 -3.22 -11.67
C SER B 74 6.56 -2.44 -11.21
N GLN B 75 6.42 -1.78 -10.05
CA GLN B 75 7.49 -0.95 -9.53
C GLN B 75 8.61 -1.74 -8.88
N ASP B 76 8.70 -3.05 -9.14
CA ASP B 76 9.92 -3.78 -8.87
C ASP B 76 10.95 -3.58 -9.97
N GLY B 77 10.59 -2.88 -11.05
CA GLY B 77 11.48 -2.65 -12.16
C GLY B 77 11.28 -3.66 -13.27
N LYS B 78 10.03 -4.02 -13.54
CA LYS B 78 9.71 -5.09 -14.48
C LYS B 78 8.52 -4.73 -15.35
N LEU B 79 8.66 -5.02 -16.65
CA LEU B 79 7.54 -5.15 -17.57
C LEU B 79 7.40 -6.62 -17.94
N ILE B 80 6.27 -7.21 -17.58
CA ILE B 80 6.03 -8.62 -17.90
C ILE B 80 4.91 -8.69 -18.93
N ILE B 81 5.17 -9.41 -20.01
CA ILE B 81 4.20 -9.60 -21.08
C ILE B 81 3.61 -10.98 -20.94
N TRP B 82 2.31 -11.03 -20.67
CA TRP B 82 1.59 -12.25 -20.40
C TRP B 82 0.81 -12.69 -21.63
N ASP B 83 0.83 -13.99 -21.89
CA ASP B 83 -0.17 -14.62 -22.74
C ASP B 83 -1.33 -14.99 -21.82
N SER B 84 -2.32 -14.10 -21.74
CA SER B 84 -3.39 -14.24 -20.75
C SER B 84 -4.17 -15.53 -20.90
N TYR B 85 -4.18 -16.13 -22.09
CA TYR B 85 -4.85 -17.41 -22.28
C TYR B 85 -4.17 -18.51 -21.47
N THR B 86 -2.85 -18.62 -21.61
CA THR B 86 -2.10 -19.68 -20.95
C THR B 86 -1.37 -19.22 -19.70
N THR B 87 -1.38 -17.91 -19.42
CA THR B 87 -0.72 -17.28 -18.29
C THR B 87 0.80 -17.43 -18.32
N ASN B 88 1.37 -17.89 -19.44
CA ASN B 88 2.81 -18.01 -19.55
C ASN B 88 3.42 -16.66 -19.95
N LYS B 89 4.44 -16.24 -19.23
CA LYS B 89 5.09 -14.97 -19.52
C LYS B 89 5.89 -15.08 -20.81
N VAL B 90 5.72 -14.09 -21.69
CA VAL B 90 6.47 -14.07 -22.93
C VAL B 90 7.77 -13.31 -22.78
N HIS B 91 7.72 -12.11 -22.21
CA HIS B 91 8.90 -11.30 -21.95
C HIS B 91 8.89 -10.83 -20.51
N ALA B 92 10.08 -10.77 -19.92
CA ALA B 92 10.28 -10.16 -18.61
C ALA B 92 11.40 -9.14 -18.76
N ILE B 93 11.04 -7.90 -18.97
CA ILE B 93 11.97 -6.81 -19.31
C ILE B 93 12.35 -6.10 -18.02
N PRO B 94 13.60 -6.13 -17.61
CA PRO B 94 14.04 -5.33 -16.46
C PRO B 94 14.21 -3.87 -16.87
N LEU B 95 13.72 -2.97 -16.02
CA LEU B 95 13.75 -1.56 -16.32
C LEU B 95 14.97 -0.89 -15.72
N ARG B 96 15.47 0.14 -16.40
CA ARG B 96 16.59 0.90 -15.87
C ARG B 96 16.22 1.59 -14.56
N SER B 97 15.03 2.15 -14.49
CA SER B 97 14.49 2.76 -13.28
C SER B 97 13.33 1.92 -12.79
N SER B 98 13.32 1.62 -11.50
CA SER B 98 12.30 0.75 -10.93
C SER B 98 11.01 1.47 -10.60
N TRP B 99 10.93 2.77 -10.85
CA TRP B 99 9.75 3.56 -10.51
C TRP B 99 8.86 3.81 -11.72
N VAL B 100 8.22 2.76 -12.20
CA VAL B 100 7.39 2.83 -13.39
C VAL B 100 5.94 3.11 -13.00
N MET B 101 5.33 4.09 -13.64
CA MET B 101 3.97 4.53 -13.33
C MET B 101 2.99 4.32 -14.48
N THR B 102 3.45 3.81 -15.62
CA THR B 102 2.58 3.59 -16.76
C THR B 102 3.26 2.67 -17.75
N CYS B 103 2.46 1.96 -18.53
CA CYS B 103 2.96 1.13 -19.61
C CYS B 103 1.96 1.15 -20.76
N ALA B 104 2.48 0.94 -21.95
CA ALA B 104 1.68 0.88 -23.16
C ALA B 104 2.19 -0.25 -24.04
N TYR B 105 1.27 -0.84 -24.81
CA TYR B 105 1.63 -1.91 -25.75
C TYR B 105 1.32 -1.39 -27.14
N ALA B 106 2.26 -1.51 -28.07
CA ALA B 106 2.08 -0.92 -29.38
C ALA B 106 0.95 -1.62 -30.13
N PRO B 107 0.21 -0.89 -30.96
CA PRO B 107 -0.89 -1.52 -31.71
C PRO B 107 -0.44 -2.66 -32.60
N SER B 108 0.75 -2.58 -33.18
CA SER B 108 1.28 -3.68 -33.97
C SER B 108 1.88 -4.78 -33.11
N GLY B 109 2.08 -4.52 -31.82
CA GLY B 109 2.68 -5.48 -30.92
C GLY B 109 4.19 -5.56 -30.99
N ASN B 110 4.81 -4.77 -31.85
CA ASN B 110 6.26 -4.84 -32.01
C ASN B 110 6.99 -4.19 -30.85
N TYR B 111 6.33 -3.25 -30.17
CA TYR B 111 6.98 -2.45 -29.13
C TYR B 111 6.10 -2.39 -27.89
N VAL B 112 6.76 -2.07 -26.77
CA VAL B 112 6.07 -1.67 -25.55
C VAL B 112 6.72 -0.36 -25.10
N ALA B 113 6.01 0.37 -24.26
CA ALA B 113 6.54 1.62 -23.72
C ALA B 113 6.30 1.68 -22.23
N CYS B 114 7.15 2.42 -21.54
CA CYS B 114 6.97 2.62 -20.11
C CYS B 114 7.54 3.97 -19.71
N GLY B 115 7.04 4.48 -18.60
CA GLY B 115 7.52 5.74 -18.06
C GLY B 115 7.26 5.78 -16.58
N GLY B 116 7.72 6.86 -15.95
CA GLY B 116 7.53 6.99 -14.52
C GLY B 116 8.29 8.14 -13.90
N LEU B 117 8.83 7.93 -12.70
CA LEU B 117 9.50 9.00 -11.96
C LEU B 117 10.81 9.42 -12.59
N ASP B 118 11.35 8.68 -13.55
CA ASP B 118 12.54 9.12 -14.27
C ASP B 118 12.23 10.16 -15.34
N ASN B 119 10.95 10.48 -15.56
CA ASN B 119 10.50 11.47 -16.54
C ASN B 119 10.89 11.10 -17.97
N ILE B 120 11.16 9.82 -18.21
CA ILE B 120 11.66 9.34 -19.49
C ILE B 120 10.75 8.21 -19.98
N CYS B 121 10.43 8.24 -21.27
CA CYS B 121 9.67 7.18 -21.91
C CYS B 121 10.64 6.22 -22.59
N SER B 122 10.61 4.95 -22.19
CA SER B 122 11.46 3.93 -22.77
C SER B 122 10.62 3.05 -23.68
N ILE B 123 11.07 2.88 -24.92
CA ILE B 123 10.41 2.04 -25.91
C ILE B 123 11.25 0.78 -26.08
N TYR B 124 10.63 -0.37 -25.83
CA TYR B 124 11.29 -1.66 -25.89
C TYR B 124 10.81 -2.42 -27.12
N ASN B 125 11.77 -2.88 -27.93
CA ASN B 125 11.47 -3.62 -29.14
C ASN B 125 11.41 -5.11 -28.80
N LEU B 126 10.25 -5.72 -29.05
CA LEU B 126 10.04 -7.12 -28.72
C LEU B 126 10.49 -8.07 -29.84
N LYS B 127 10.84 -7.55 -31.00
CA LYS B 127 11.13 -8.34 -32.18
C LYS B 127 12.54 -8.09 -32.69
N THR B 128 13.51 -8.03 -31.79
CA THR B 128 14.88 -7.77 -32.20
C THR B 128 15.46 -8.96 -32.95
N ARG B 129 16.61 -8.73 -33.60
CA ARG B 129 17.26 -9.78 -34.38
C ARG B 129 17.64 -10.97 -33.49
N GLU B 130 18.22 -10.69 -32.33
CA GLU B 130 18.58 -11.74 -31.39
C GLU B 130 17.36 -12.32 -30.68
N GLY B 131 16.26 -11.58 -30.62
CA GLY B 131 15.08 -12.01 -29.90
C GLY B 131 14.96 -11.45 -28.50
N ASN B 132 16.01 -10.84 -27.97
CA ASN B 132 15.95 -10.22 -26.66
C ASN B 132 15.19 -8.89 -26.76
N VAL B 133 15.01 -8.23 -25.63
CA VAL B 133 14.27 -6.97 -25.55
C VAL B 133 15.21 -5.90 -25.02
N ARG B 134 15.47 -4.89 -25.86
CA ARG B 134 16.38 -3.81 -25.51
C ARG B 134 15.68 -2.48 -25.75
N VAL B 135 16.18 -1.43 -25.11
CA VAL B 135 15.60 -0.10 -25.27
C VAL B 135 15.89 0.36 -26.69
N SER B 136 14.86 0.35 -27.54
CA SER B 136 15.05 0.87 -28.89
C SER B 136 15.18 2.40 -28.88
N ARG B 137 14.43 3.07 -28.01
CA ARG B 137 14.43 4.51 -27.96
C ARG B 137 14.20 4.99 -26.53
N GLU B 138 14.90 6.07 -26.18
CA GLU B 138 14.80 6.69 -24.87
C GLU B 138 14.40 8.14 -25.07
N LEU B 139 13.13 8.45 -24.84
CA LEU B 139 12.56 9.77 -25.07
C LEU B 139 12.65 10.56 -23.77
N ALA B 140 13.48 11.59 -23.77
CA ALA B 140 13.66 12.46 -22.61
C ALA B 140 13.25 13.88 -22.99
N GLY B 141 12.79 14.64 -21.99
CA GLY B 141 12.36 16.00 -22.24
C GLY B 141 11.20 16.48 -21.40
N HIS B 142 10.47 15.55 -20.79
CA HIS B 142 9.44 15.94 -19.83
C HIS B 142 10.09 16.41 -18.53
N THR B 143 9.47 17.42 -17.91
CA THR B 143 9.94 17.95 -16.63
C THR B 143 9.06 17.49 -15.47
N GLY B 144 8.54 16.26 -15.56
CA GLY B 144 7.72 15.69 -14.50
C GLY B 144 7.48 14.23 -14.81
N TYR B 145 7.01 13.52 -13.79
CA TYR B 145 6.81 12.08 -13.91
C TYR B 145 5.81 11.78 -15.01
N LEU B 146 6.02 10.67 -15.70
CA LEU B 146 5.17 10.27 -16.80
C LEU B 146 4.03 9.40 -16.27
N SER B 147 2.81 9.93 -16.32
CA SER B 147 1.67 9.23 -15.73
C SER B 147 0.94 8.33 -16.72
N CYS B 148 1.00 8.62 -18.01
CA CYS B 148 0.36 7.79 -19.01
C CYS B 148 1.07 7.98 -20.35
N CYS B 149 0.99 6.96 -21.20
CA CYS B 149 1.53 7.02 -22.54
C CYS B 149 0.76 6.05 -23.43
N ARG B 150 0.51 6.46 -24.67
CA ARG B 150 -0.24 5.65 -25.62
C ARG B 150 0.38 5.79 -27.00
N PHE B 151 0.67 4.66 -27.64
CA PHE B 151 1.15 4.67 -29.01
C PHE B 151 0.06 5.12 -29.96
N LEU B 152 0.42 5.94 -30.95
CA LEU B 152 -0.40 6.13 -32.12
C LEU B 152 -0.02 5.16 -33.22
N ASP B 153 1.28 4.95 -33.41
CA ASP B 153 1.83 3.95 -34.32
C ASP B 153 3.23 3.60 -33.84
N ASP B 154 4.00 2.96 -34.71
CA ASP B 154 5.34 2.52 -34.32
C ASP B 154 6.33 3.66 -34.22
N ASN B 155 5.98 4.86 -34.71
CA ASN B 155 6.91 5.97 -34.72
C ASN B 155 6.43 7.20 -33.96
N GLN B 156 5.18 7.22 -33.49
CA GLN B 156 4.65 8.34 -32.74
C GLN B 156 3.97 7.84 -31.49
N ILE B 157 4.21 8.51 -30.37
CA ILE B 157 3.64 8.13 -29.09
C ILE B 157 3.21 9.38 -28.33
N VAL B 158 2.01 9.37 -27.76
CA VAL B 158 1.52 10.50 -26.98
C VAL B 158 1.67 10.16 -25.50
N THR B 159 2.21 11.11 -24.74
CA THR B 159 2.53 10.92 -23.34
C THR B 159 1.93 12.05 -22.52
N SER B 160 1.60 11.75 -21.28
CA SER B 160 1.10 12.74 -20.34
C SER B 160 1.99 12.76 -19.10
N SER B 161 2.40 13.95 -18.68
CA SER B 161 3.41 14.06 -17.65
C SER B 161 2.86 14.84 -16.47
N GLY B 162 3.63 14.82 -15.38
CA GLY B 162 3.31 15.58 -14.19
C GLY B 162 3.66 17.05 -14.28
N ASP B 163 4.22 17.50 -15.38
CA ASP B 163 4.46 18.92 -15.58
C ASP B 163 3.26 19.63 -16.17
N THR B 164 2.08 19.02 -16.06
CA THR B 164 0.78 19.52 -16.49
C THR B 164 0.62 19.57 -18.00
N THR B 165 1.57 19.03 -18.77
CA THR B 165 1.53 19.08 -20.22
C THR B 165 1.58 17.67 -20.81
N CYS B 166 1.01 17.53 -22.00
CA CYS B 166 1.12 16.31 -22.79
C CYS B 166 2.06 16.56 -23.97
N ALA B 167 2.59 15.49 -24.54
CA ALA B 167 3.56 15.62 -25.61
C ALA B 167 3.45 14.46 -26.57
N LEU B 168 3.44 14.79 -27.86
CA LEU B 168 3.50 13.80 -28.93
C LEU B 168 4.94 13.70 -29.42
N TRP B 169 5.52 12.51 -29.31
CA TRP B 169 6.92 12.25 -29.58
C TRP B 169 7.07 11.45 -30.86
N ASP B 170 8.06 11.84 -31.66
CA ASP B 170 8.49 11.08 -32.84
C ASP B 170 9.59 10.13 -32.40
N ILE B 171 9.27 8.83 -32.36
CA ILE B 171 10.19 7.85 -31.79
C ILE B 171 11.44 7.70 -32.64
N GLU B 172 11.32 7.80 -33.96
CA GLU B 172 12.47 7.63 -34.84
C GLU B 172 13.56 8.64 -34.53
N THR B 173 13.20 9.93 -34.46
CA THR B 173 14.17 10.98 -34.19
C THR B 173 14.32 11.28 -32.70
N GLY B 174 13.33 10.93 -31.89
CA GLY B 174 13.37 11.22 -30.47
C GLY B 174 12.93 12.61 -30.08
N GLN B 175 12.55 13.43 -31.04
CA GLN B 175 12.16 14.82 -30.77
C GLN B 175 10.66 14.93 -30.53
N GLN B 176 10.27 15.95 -29.77
CA GLN B 176 8.86 16.20 -29.52
C GLN B 176 8.21 16.76 -30.79
N THR B 177 7.27 16.01 -31.34
CA THR B 177 6.52 16.50 -32.49
C THR B 177 5.51 17.57 -32.09
N THR B 178 4.85 17.41 -30.95
CA THR B 178 3.80 18.34 -30.56
C THR B 178 3.77 18.44 -29.04
N THR B 179 3.33 19.59 -28.52
CA THR B 179 3.12 19.77 -27.10
C THR B 179 1.72 20.32 -26.85
N PHE B 180 1.09 19.87 -25.78
CA PHE B 180 -0.26 20.29 -25.39
C PHE B 180 -0.18 20.86 -23.98
N THR B 181 -0.55 22.14 -23.84
CA THR B 181 -0.48 22.83 -22.56
C THR B 181 -1.82 23.47 -22.26
N GLY B 182 -2.10 23.64 -20.98
CA GLY B 182 -3.35 24.25 -20.55
C GLY B 182 -3.91 23.69 -19.28
N HIS B 183 -3.49 22.47 -18.92
CA HIS B 183 -3.87 21.91 -17.63
C HIS B 183 -3.11 22.62 -16.52
N THR B 184 -3.78 22.83 -15.39
CA THR B 184 -3.13 23.44 -14.24
C THR B 184 -2.69 22.42 -13.20
N GLY B 185 -3.19 21.19 -13.28
CA GLY B 185 -2.72 20.10 -12.46
C GLY B 185 -2.14 19.00 -13.33
N ASP B 186 -1.49 18.03 -12.69
CA ASP B 186 -0.85 16.94 -13.40
C ASP B 186 -1.86 16.16 -14.23
N VAL B 187 -1.49 15.85 -15.46
CA VAL B 187 -2.33 15.01 -16.30
C VAL B 187 -2.14 13.57 -15.86
N MET B 188 -3.23 12.96 -15.36
CA MET B 188 -3.13 11.64 -14.76
C MET B 188 -3.46 10.50 -15.71
N SER B 189 -4.20 10.79 -16.79
CA SER B 189 -4.52 9.77 -17.76
C SER B 189 -4.88 10.44 -19.07
N LEU B 190 -4.70 9.69 -20.16
CA LEU B 190 -5.13 10.14 -21.48
C LEU B 190 -5.74 8.94 -22.20
N SER B 191 -6.53 9.23 -23.21
CA SER B 191 -7.17 8.19 -24.01
C SER B 191 -7.27 8.68 -25.45
N LEU B 192 -6.80 7.87 -26.38
CA LEU B 192 -6.91 8.23 -27.79
C LEU B 192 -8.30 7.92 -28.32
N ALA B 193 -8.79 8.78 -29.22
CA ALA B 193 -10.06 8.55 -29.86
C ALA B 193 -9.94 7.35 -30.79
N PRO B 194 -11.06 6.72 -31.14
CA PRO B 194 -11.01 5.59 -32.09
C PRO B 194 -10.33 5.95 -33.41
N ASP B 195 -10.52 7.16 -33.90
CA ASP B 195 -9.83 7.63 -35.10
C ASP B 195 -8.46 8.23 -34.80
N THR B 196 -8.09 8.34 -33.52
CA THR B 196 -6.79 8.87 -33.08
C THR B 196 -6.49 10.25 -33.64
N ARG B 197 -7.53 11.02 -33.94
CA ARG B 197 -7.34 12.41 -34.34
C ARG B 197 -7.51 13.38 -33.17
N LEU B 198 -8.18 12.95 -32.11
CA LEU B 198 -8.35 13.70 -30.88
C LEU B 198 -8.03 12.80 -29.70
N PHE B 199 -7.79 13.41 -28.55
CA PHE B 199 -7.63 12.63 -27.34
C PHE B 199 -8.00 13.46 -26.11
N VAL B 200 -8.59 12.80 -25.12
CA VAL B 200 -9.03 13.45 -23.89
C VAL B 200 -8.03 13.15 -22.79
N SER B 201 -7.68 14.19 -22.04
CA SER B 201 -6.75 14.06 -20.92
C SER B 201 -7.40 14.64 -19.66
N GLY B 202 -7.46 13.82 -18.62
CA GLY B 202 -7.97 14.27 -17.33
C GLY B 202 -6.80 14.63 -16.43
N ALA B 203 -6.96 15.73 -15.70
CA ALA B 203 -5.84 16.27 -14.92
C ALA B 203 -6.23 16.41 -13.46
N CYS B 204 -5.24 16.83 -12.67
CA CYS B 204 -5.43 17.06 -11.23
C CYS B 204 -6.00 18.45 -10.98
N ASP B 205 -6.61 19.06 -11.99
CA ASP B 205 -7.35 20.30 -11.83
C ASP B 205 -8.85 20.06 -11.78
N ALA B 206 -9.28 18.81 -11.61
CA ALA B 206 -10.69 18.44 -11.68
C ALA B 206 -11.31 18.85 -13.00
N SER B 207 -10.61 18.56 -14.10
CA SER B 207 -11.09 18.86 -15.43
C SER B 207 -10.44 17.94 -16.45
N ALA B 208 -11.17 17.72 -17.53
CA ALA B 208 -10.65 17.01 -18.69
C ALA B 208 -10.57 17.97 -19.87
N LYS B 209 -9.70 17.66 -20.81
CA LYS B 209 -9.51 18.51 -21.99
C LYS B 209 -9.41 17.65 -23.23
N LEU B 210 -10.12 18.05 -24.27
CA LEU B 210 -10.08 17.39 -25.57
C LEU B 210 -9.08 18.11 -26.46
N TRP B 211 -8.06 17.39 -26.91
CA TRP B 211 -6.94 17.94 -27.65
C TRP B 211 -6.96 17.41 -29.08
N ASP B 212 -6.66 18.30 -30.01
CA ASP B 212 -6.50 17.95 -31.42
C ASP B 212 -5.02 17.67 -31.67
N VAL B 213 -4.69 16.41 -31.96
CA VAL B 213 -3.30 16.02 -32.12
C VAL B 213 -2.68 16.71 -33.33
N ARG B 214 -3.45 16.91 -34.39
CA ARG B 214 -2.92 17.52 -35.62
C ARG B 214 -2.53 18.98 -35.38
N GLU B 215 -3.35 19.72 -34.64
CA GLU B 215 -3.14 21.15 -34.47
C GLU B 215 -2.49 21.52 -33.13
N GLY B 216 -2.67 20.70 -32.10
CA GLY B 216 -2.10 20.97 -30.80
C GLY B 216 -2.95 21.83 -29.88
N MET B 217 -4.09 22.33 -30.36
CA MET B 217 -4.95 23.18 -29.55
C MET B 217 -5.92 22.35 -28.73
N CYS B 218 -6.35 22.92 -27.60
CA CYS B 218 -7.40 22.30 -26.79
C CYS B 218 -8.76 22.70 -27.33
N ARG B 219 -9.48 21.75 -27.93
CA ARG B 219 -10.76 22.07 -28.53
C ARG B 219 -11.80 22.41 -27.47
N GLN B 220 -11.94 21.57 -26.45
CA GLN B 220 -12.96 21.75 -25.44
C GLN B 220 -12.39 21.41 -24.08
N THR B 221 -12.96 22.02 -23.04
CA THR B 221 -12.62 21.74 -21.66
C THR B 221 -13.88 21.33 -20.92
N PHE B 222 -13.84 20.16 -20.29
CA PHE B 222 -14.99 19.61 -19.59
C PHE B 222 -14.76 19.67 -18.09
N THR B 223 -15.70 20.29 -17.39
CA THR B 223 -15.65 20.47 -15.95
C THR B 223 -16.87 19.83 -15.33
N GLY B 224 -16.82 19.63 -14.02
CA GLY B 224 -17.91 19.01 -13.31
C GLY B 224 -17.44 18.09 -12.22
N HIS B 225 -16.25 17.52 -12.38
CA HIS B 225 -15.65 16.73 -11.31
C HIS B 225 -15.15 17.67 -10.21
N GLU B 226 -15.09 17.14 -9.00
CA GLU B 226 -14.78 17.96 -7.83
C GLU B 226 -13.35 17.84 -7.37
N SER B 227 -12.65 16.76 -7.74
CA SER B 227 -11.28 16.54 -7.29
C SER B 227 -10.47 15.95 -8.45
N ASP B 228 -9.29 15.45 -8.11
CA ASP B 228 -8.34 14.96 -9.10
C ASP B 228 -8.95 13.86 -9.95
N ILE B 229 -8.80 13.95 -11.26
CA ILE B 229 -9.27 12.92 -12.17
C ILE B 229 -8.12 11.96 -12.41
N ASN B 230 -8.34 10.68 -12.10
CA ASN B 230 -7.27 9.69 -12.20
C ASN B 230 -7.30 8.93 -13.51
N ALA B 231 -8.49 8.76 -14.09
CA ALA B 231 -8.67 7.92 -15.26
C ALA B 231 -9.61 8.59 -16.25
N ILE B 232 -9.50 8.18 -17.51
CA ILE B 232 -10.31 8.74 -18.58
C ILE B 232 -10.25 7.78 -19.77
N CYS B 233 -11.36 7.72 -20.52
CA CYS B 233 -11.45 6.84 -21.68
C CYS B 233 -12.66 7.24 -22.51
N PHE B 234 -12.50 7.14 -23.84
CA PHE B 234 -13.63 7.40 -24.73
C PHE B 234 -14.68 6.31 -24.69
N PHE B 235 -15.94 6.73 -24.76
CA PHE B 235 -17.02 5.84 -25.12
C PHE B 235 -16.77 5.35 -26.54
N PRO B 236 -17.11 4.10 -26.84
CA PRO B 236 -16.64 3.50 -28.11
C PRO B 236 -17.00 4.25 -29.38
N ASN B 237 -18.00 5.12 -29.38
CA ASN B 237 -18.33 5.81 -30.62
C ASN B 237 -17.38 6.96 -30.92
N GLY B 238 -16.61 7.41 -29.93
CA GLY B 238 -15.69 8.51 -30.11
C GLY B 238 -16.27 9.89 -29.88
N ASN B 239 -17.57 9.98 -29.59
CA ASN B 239 -18.22 11.27 -29.34
C ASN B 239 -18.61 11.45 -27.88
N ALA B 240 -18.06 10.63 -26.98
CA ALA B 240 -18.29 10.77 -25.56
C ALA B 240 -17.15 10.09 -24.82
N PHE B 241 -17.06 10.32 -23.52
CA PHE B 241 -16.02 9.71 -22.71
C PHE B 241 -16.45 9.72 -21.26
N ALA B 242 -15.69 8.99 -20.45
CA ALA B 242 -15.97 8.86 -19.02
C ALA B 242 -14.73 9.16 -18.21
N THR B 243 -14.95 9.68 -17.00
CA THR B 243 -13.88 10.08 -16.12
C THR B 243 -14.16 9.58 -14.71
N GLY B 244 -13.11 9.10 -14.04
CA GLY B 244 -13.17 8.73 -12.64
C GLY B 244 -12.26 9.64 -11.84
N SER B 245 -12.74 10.10 -10.69
CA SER B 245 -12.03 11.12 -9.93
C SER B 245 -11.93 10.72 -8.47
N ASP B 246 -11.16 11.52 -7.72
CA ASP B 246 -10.99 11.31 -6.29
C ASP B 246 -12.23 11.67 -5.48
N ASP B 247 -13.19 12.38 -6.09
CA ASP B 247 -14.45 12.65 -5.39
C ASP B 247 -15.35 11.42 -5.32
N ALA B 248 -14.85 10.24 -5.72
CA ALA B 248 -15.54 8.96 -5.61
C ALA B 248 -16.74 8.84 -6.54
N THR B 249 -16.81 9.66 -7.59
CA THR B 249 -17.89 9.59 -8.55
C THR B 249 -17.32 9.49 -9.96
N CYS B 250 -17.93 8.64 -10.78
CA CYS B 250 -17.65 8.62 -12.20
C CYS B 250 -18.62 9.54 -12.92
N ARG B 251 -18.18 10.10 -14.05
CA ARG B 251 -19.03 10.99 -14.82
C ARG B 251 -18.78 10.78 -16.31
N LEU B 252 -19.87 10.64 -17.05
CA LEU B 252 -19.82 10.50 -18.51
C LEU B 252 -20.19 11.83 -19.14
N PHE B 253 -19.25 12.37 -19.92
CA PHE B 253 -19.40 13.59 -20.69
C PHE B 253 -19.50 13.24 -22.16
N ASP B 254 -19.99 14.19 -22.96
CA ASP B 254 -20.04 14.03 -24.40
C ASP B 254 -19.38 15.23 -25.08
N LEU B 255 -18.74 14.98 -26.21
CA LEU B 255 -17.95 16.00 -26.89
C LEU B 255 -18.78 17.00 -27.67
N ARG B 256 -20.00 16.66 -28.07
CA ARG B 256 -20.78 17.51 -28.95
C ARG B 256 -21.77 18.40 -28.22
N ALA B 257 -22.22 18.03 -27.03
CA ALA B 257 -22.97 18.94 -26.18
C ALA B 257 -22.06 19.74 -25.26
N ASP B 258 -20.77 19.37 -25.16
CA ASP B 258 -19.79 20.07 -24.34
C ASP B 258 -20.26 20.20 -22.89
N GLN B 259 -20.84 19.13 -22.35
CA GLN B 259 -21.32 19.16 -20.97
C GLN B 259 -21.48 17.75 -20.46
N GLU B 260 -21.65 17.63 -19.14
CA GLU B 260 -21.89 16.34 -18.52
C GLU B 260 -23.14 15.69 -19.09
N LEU B 261 -23.04 14.39 -19.38
CA LEU B 261 -24.26 13.65 -19.67
C LEU B 261 -24.84 13.01 -18.42
N MET B 262 -24.05 12.23 -17.67
CA MET B 262 -24.68 11.58 -16.52
C MET B 262 -23.61 11.15 -15.53
N THR B 263 -24.02 10.86 -14.29
CA THR B 263 -23.10 10.64 -13.18
C THR B 263 -23.39 9.31 -12.50
N TYR B 264 -22.33 8.58 -12.17
CA TYR B 264 -22.40 7.28 -11.52
C TYR B 264 -21.75 7.42 -10.14
N SER B 265 -22.59 7.48 -9.11
CA SER B 265 -22.13 7.68 -7.75
C SER B 265 -23.03 6.93 -6.79
N HIS B 266 -22.52 6.67 -5.59
CA HIS B 266 -23.29 5.99 -4.56
C HIS B 266 -22.79 6.45 -3.19
N ASP B 267 -23.71 6.48 -2.23
CA ASP B 267 -23.35 6.92 -0.88
C ASP B 267 -22.35 5.98 -0.23
N ASN B 268 -22.49 4.68 -0.44
CA ASN B 268 -21.58 3.71 0.16
C ASN B 268 -20.18 3.80 -0.39
N ILE B 269 -19.97 4.53 -1.47
CA ILE B 269 -18.66 4.67 -2.10
C ILE B 269 -18.11 6.04 -1.70
N ILE B 270 -17.00 6.04 -0.97
CA ILE B 270 -16.32 7.27 -0.60
C ILE B 270 -14.90 7.34 -1.16
N CYS B 271 -14.38 6.24 -1.70
CA CYS B 271 -13.03 6.20 -2.25
C CYS B 271 -13.05 6.53 -3.74
N GLY B 272 -11.98 7.17 -4.20
CA GLY B 272 -11.92 7.62 -5.56
C GLY B 272 -11.70 6.49 -6.56
N ILE B 273 -11.83 6.84 -7.83
CA ILE B 273 -11.68 5.89 -8.93
C ILE B 273 -10.28 6.04 -9.50
N THR B 274 -9.57 4.91 -9.63
CA THR B 274 -8.22 4.93 -10.17
C THR B 274 -8.16 4.53 -11.63
N SER B 275 -9.20 3.89 -12.15
CA SER B 275 -9.19 3.38 -13.52
C SER B 275 -10.62 3.22 -14.00
N VAL B 276 -10.87 3.60 -15.25
CA VAL B 276 -12.15 3.37 -15.89
C VAL B 276 -11.91 2.75 -17.25
N SER B 277 -12.90 2.03 -17.75
CA SER B 277 -12.85 1.43 -19.08
C SER B 277 -14.26 0.95 -19.43
N PHE B 278 -14.65 1.19 -20.68
CA PHE B 278 -15.95 0.78 -21.17
C PHE B 278 -15.89 -0.65 -21.69
N SER B 279 -17.05 -1.30 -21.74
CA SER B 279 -17.17 -2.53 -22.48
C SER B 279 -17.19 -2.22 -23.98
N LYS B 280 -17.29 -3.27 -24.79
CA LYS B 280 -17.21 -3.08 -26.24
C LYS B 280 -18.36 -2.24 -26.76
N SER B 281 -19.58 -2.48 -26.28
CA SER B 281 -20.72 -1.68 -26.69
C SER B 281 -20.82 -0.35 -25.95
N GLY B 282 -20.11 -0.20 -24.84
CA GLY B 282 -20.22 0.96 -24.00
C GLY B 282 -21.36 0.93 -23.01
N ARG B 283 -22.16 -0.15 -22.98
CA ARG B 283 -23.26 -0.22 -22.04
C ARG B 283 -22.78 -0.34 -20.61
N LEU B 284 -21.62 -0.93 -20.39
CA LEU B 284 -21.05 -1.09 -19.06
C LEU B 284 -19.85 -0.18 -18.91
N LEU B 285 -19.80 0.55 -17.81
CA LEU B 285 -18.63 1.34 -17.44
C LEU B 285 -17.99 0.67 -16.24
N LEU B 286 -16.75 0.21 -16.40
CA LEU B 286 -16.06 -0.50 -15.33
C LEU B 286 -15.05 0.43 -14.67
N ALA B 287 -15.18 0.59 -13.36
CA ALA B 287 -14.38 1.56 -12.61
C ALA B 287 -13.70 0.87 -11.45
N GLY B 288 -12.38 0.96 -11.40
CA GLY B 288 -11.62 0.41 -10.28
C GLY B 288 -11.50 1.44 -9.17
N TYR B 289 -11.60 0.96 -7.93
CA TYR B 289 -11.71 1.83 -6.77
C TYR B 289 -10.59 1.56 -5.77
N ASP B 290 -10.42 2.51 -4.85
CA ASP B 290 -9.44 2.35 -3.77
C ASP B 290 -9.87 1.32 -2.74
N ASP B 291 -11.17 1.00 -2.68
CA ASP B 291 -11.68 0.04 -1.72
C ASP B 291 -11.40 -1.41 -2.13
N PHE B 292 -10.48 -1.60 -3.07
CA PHE B 292 -10.01 -2.89 -3.60
C PHE B 292 -11.04 -3.55 -4.50
N ASN B 293 -12.20 -2.93 -4.70
CA ASN B 293 -13.22 -3.47 -5.57
C ASN B 293 -13.23 -2.75 -6.91
N CYS B 294 -13.93 -3.33 -7.87
CA CYS B 294 -14.14 -2.74 -9.18
C CYS B 294 -15.61 -2.86 -9.52
N ASN B 295 -16.28 -1.74 -9.74
CA ASN B 295 -17.70 -1.75 -10.00
C ASN B 295 -17.99 -1.72 -11.50
N VAL B 296 -19.13 -2.30 -11.85
CA VAL B 296 -19.63 -2.33 -13.22
C VAL B 296 -20.96 -1.57 -13.22
N TRP B 297 -20.97 -0.42 -13.89
CA TRP B 297 -22.09 0.51 -13.90
C TRP B 297 -22.86 0.36 -15.20
N ASP B 298 -24.19 0.35 -15.10
CA ASP B 298 -25.02 0.51 -16.29
C ASP B 298 -24.84 1.93 -16.80
N ALA B 299 -24.10 2.10 -17.90
CA ALA B 299 -23.71 3.44 -18.35
C ALA B 299 -24.89 4.31 -18.71
N LEU B 300 -26.07 3.72 -18.92
CA LEU B 300 -27.25 4.49 -19.31
C LEU B 300 -28.24 4.68 -18.17
N LYS B 301 -28.23 3.81 -17.17
CA LYS B 301 -29.13 3.91 -16.03
C LYS B 301 -28.43 4.33 -14.74
N ALA B 302 -27.10 4.38 -14.74
CA ALA B 302 -26.26 4.73 -13.59
C ALA B 302 -26.38 3.73 -12.46
N ASP B 303 -27.24 2.72 -12.63
CA ASP B 303 -27.34 1.69 -11.60
C ASP B 303 -26.12 0.79 -11.67
N ARG B 304 -25.61 0.44 -10.50
CA ARG B 304 -24.46 -0.45 -10.43
C ARG B 304 -24.92 -1.87 -10.72
N ALA B 305 -24.40 -2.46 -11.79
CA ALA B 305 -24.83 -3.77 -12.21
C ALA B 305 -23.95 -4.89 -11.69
N GLY B 306 -22.72 -4.59 -11.29
CA GLY B 306 -21.86 -5.66 -10.79
C GLY B 306 -20.74 -5.11 -9.93
N VAL B 307 -20.07 -6.03 -9.24
CA VAL B 307 -18.90 -5.71 -8.43
C VAL B 307 -17.84 -6.77 -8.70
N LEU B 308 -16.62 -6.33 -9.06
CA LEU B 308 -15.50 -7.25 -9.27
C LEU B 308 -14.62 -7.31 -8.02
N ALA B 309 -15.20 -7.82 -6.95
CA ALA B 309 -14.45 -8.03 -5.71
C ALA B 309 -13.47 -9.18 -5.91
N GLY B 310 -12.34 -9.14 -5.19
CA GLY B 310 -11.37 -10.19 -5.30
C GLY B 310 -9.92 -9.75 -5.21
N HIS B 311 -9.67 -8.44 -5.17
CA HIS B 311 -8.32 -7.93 -5.05
C HIS B 311 -7.99 -7.61 -3.60
N ASP B 312 -6.78 -7.96 -3.19
CA ASP B 312 -6.32 -7.73 -1.83
C ASP B 312 -5.78 -6.33 -1.60
N ASN B 313 -5.57 -5.54 -2.65
CA ASN B 313 -5.07 -4.19 -2.50
C ASN B 313 -5.63 -3.34 -3.63
N ARG B 314 -5.35 -2.04 -3.56
CA ARG B 314 -5.88 -1.03 -4.47
C ARG B 314 -5.81 -1.46 -5.93
N VAL B 315 -6.94 -1.39 -6.62
CA VAL B 315 -6.96 -1.68 -8.05
C VAL B 315 -6.41 -0.47 -8.79
N SER B 316 -5.23 -0.63 -9.39
CA SER B 316 -4.51 0.48 -9.98
C SER B 316 -4.71 0.64 -11.48
N CYS B 317 -5.19 -0.40 -12.16
CA CYS B 317 -5.27 -0.34 -13.62
C CYS B 317 -6.31 -1.34 -14.13
N LEU B 318 -7.02 -0.91 -15.17
CA LEU B 318 -8.06 -1.69 -15.82
C LEU B 318 -7.78 -1.77 -17.31
N GLY B 319 -8.35 -2.79 -17.94
CA GLY B 319 -8.31 -2.89 -19.37
C GLY B 319 -9.34 -3.84 -19.94
N VAL B 320 -10.10 -3.40 -20.93
CA VAL B 320 -11.06 -4.23 -21.63
C VAL B 320 -10.49 -4.55 -23.00
N THR B 321 -10.53 -5.82 -23.38
CA THR B 321 -9.92 -6.24 -24.63
C THR B 321 -10.61 -5.57 -25.82
N ASP B 322 -9.86 -5.45 -26.92
CA ASP B 322 -10.41 -4.85 -28.12
C ASP B 322 -11.61 -5.63 -28.64
N ASP B 323 -11.60 -6.95 -28.47
CA ASP B 323 -12.76 -7.76 -28.85
C ASP B 323 -13.82 -7.82 -27.77
N GLY B 324 -13.55 -7.26 -26.59
CA GLY B 324 -14.53 -7.24 -25.53
C GLY B 324 -14.75 -8.55 -24.82
N MET B 325 -13.90 -9.54 -25.05
CA MET B 325 -14.09 -10.85 -24.43
C MET B 325 -13.91 -10.78 -22.93
N ALA B 326 -12.83 -10.15 -22.46
CA ALA B 326 -12.46 -10.24 -21.05
C ALA B 326 -12.02 -8.88 -20.54
N VAL B 327 -12.13 -8.72 -19.23
CA VAL B 327 -11.59 -7.58 -18.50
C VAL B 327 -10.30 -8.05 -17.84
N ALA B 328 -9.40 -7.12 -17.57
CA ALA B 328 -8.23 -7.41 -16.77
C ALA B 328 -7.97 -6.26 -15.80
N THR B 329 -7.79 -6.60 -14.53
CA THR B 329 -7.55 -5.62 -13.49
C THR B 329 -6.23 -5.95 -12.81
N GLY B 330 -5.31 -5.00 -12.82
CA GLY B 330 -4.14 -5.10 -11.99
C GLY B 330 -4.39 -4.46 -10.64
N SER B 331 -3.53 -4.77 -9.68
CA SER B 331 -3.76 -4.29 -8.32
C SER B 331 -2.43 -4.10 -7.63
N TRP B 332 -2.47 -3.35 -6.52
CA TRP B 332 -1.27 -3.13 -5.73
C TRP B 332 -0.82 -4.37 -4.98
N ASP B 333 -1.63 -5.43 -4.97
CA ASP B 333 -1.20 -6.68 -4.36
C ASP B 333 -0.33 -7.53 -5.28
N SER B 334 0.05 -6.99 -6.44
CA SER B 334 0.96 -7.59 -7.40
C SER B 334 0.35 -8.76 -8.18
N PHE B 335 -0.95 -8.73 -8.44
CA PHE B 335 -1.60 -9.73 -9.28
C PHE B 335 -2.53 -9.08 -10.30
N LEU B 336 -2.49 -9.59 -11.53
CA LEU B 336 -3.51 -9.27 -12.52
C LEU B 336 -4.56 -10.37 -12.52
N LYS B 337 -5.82 -9.96 -12.56
CA LYS B 337 -6.93 -10.90 -12.64
C LYS B 337 -7.71 -10.64 -13.92
N ILE B 338 -7.96 -11.69 -14.68
CA ILE B 338 -8.80 -11.65 -15.87
C ILE B 338 -10.21 -12.02 -15.45
N TRP B 339 -11.21 -11.32 -16.00
CA TRP B 339 -12.59 -11.48 -15.57
C TRP B 339 -13.49 -11.68 -16.77
N ASN B 340 -14.46 -12.58 -16.62
CA ASN B 340 -15.53 -12.75 -17.60
C ASN B 340 -16.89 -12.79 -16.90
N SER C 4 2.38 36.38 -15.31
CA SER C 4 0.96 36.17 -15.06
C SER C 4 0.10 36.80 -16.15
N ILE C 5 0.57 37.88 -16.76
CA ILE C 5 -0.18 38.53 -17.84
C ILE C 5 -0.32 37.58 -19.03
N ALA C 6 0.78 36.91 -19.40
CA ALA C 6 0.72 35.96 -20.51
C ALA C 6 -0.20 34.78 -20.21
N GLN C 7 -0.15 34.26 -18.98
CA GLN C 7 -1.03 33.16 -18.61
C GLN C 7 -2.50 33.58 -18.64
N ALA C 8 -2.80 34.78 -18.13
CA ALA C 8 -4.18 35.27 -18.20
C ALA C 8 -4.63 35.47 -19.64
N ARG C 9 -3.75 36.00 -20.49
CA ARG C 9 -4.10 36.17 -21.90
C ARG C 9 -4.37 34.83 -22.56
N LYS C 10 -3.55 33.82 -22.25
CA LYS C 10 -3.77 32.49 -22.81
C LYS C 10 -5.09 31.90 -22.34
N LEU C 11 -5.41 32.08 -21.05
CA LEU C 11 -6.68 31.58 -20.53
C LEU C 11 -7.87 32.27 -21.19
N VAL C 12 -7.76 33.60 -21.39
CA VAL C 12 -8.84 34.33 -22.04
C VAL C 12 -9.02 33.87 -23.49
N GLU C 13 -7.90 33.67 -24.20
CA GLU C 13 -7.98 33.17 -25.57
C GLU C 13 -8.64 31.80 -25.62
N GLN C 14 -8.25 30.91 -24.70
CA GLN C 14 -8.82 29.57 -24.68
C GLN C 14 -10.32 29.63 -24.39
N LEU C 15 -10.73 30.47 -23.45
CA LEU C 15 -12.16 30.61 -23.16
C LEU C 15 -12.92 31.19 -24.35
N LYS C 16 -12.31 32.13 -25.07
CA LYS C 16 -12.94 32.66 -26.28
C LYS C 16 -13.14 31.57 -27.32
N MET C 17 -12.11 30.75 -27.55
CA MET C 17 -12.25 29.66 -28.52
C MET C 17 -13.29 28.64 -28.06
N GLU C 18 -13.34 28.35 -26.76
CA GLU C 18 -14.33 27.42 -26.24
C GLU C 18 -15.74 27.96 -26.35
N ALA C 19 -15.94 29.26 -26.18
CA ALA C 19 -17.26 29.85 -26.33
C ALA C 19 -17.67 29.96 -27.79
N ASN C 20 -16.70 30.07 -28.70
CA ASN C 20 -17.02 30.19 -30.12
C ASN C 20 -17.61 28.91 -30.70
N ILE C 21 -17.32 27.75 -30.13
CA ILE C 21 -17.78 26.50 -30.71
C ILE C 21 -19.29 26.35 -30.50
N ASP C 22 -19.94 25.67 -31.43
CA ASP C 22 -21.36 25.41 -31.32
C ASP C 22 -21.60 24.07 -30.65
N ARG C 23 -22.73 23.95 -29.96
CA ARG C 23 -23.09 22.75 -29.21
C ARG C 23 -24.43 22.24 -29.68
N ILE C 24 -24.50 20.94 -29.99
CA ILE C 24 -25.77 20.34 -30.37
C ILE C 24 -26.61 20.10 -29.12
N LYS C 25 -27.89 19.82 -29.35
CA LYS C 25 -28.80 19.58 -28.23
C LYS C 25 -28.41 18.29 -27.51
N VAL C 26 -28.65 18.27 -26.19
CA VAL C 26 -28.29 17.10 -25.39
C VAL C 26 -29.14 15.90 -25.80
N SER C 27 -30.39 16.13 -26.16
CA SER C 27 -31.24 15.03 -26.60
C SER C 27 -30.68 14.32 -27.81
N LYS C 28 -30.10 15.07 -28.76
CA LYS C 28 -29.49 14.47 -29.93
C LYS C 28 -28.31 13.57 -29.56
N ALA C 29 -27.45 14.05 -28.65
CA ALA C 29 -26.30 13.24 -28.24
C ALA C 29 -26.74 12.00 -27.48
N ALA C 30 -27.74 12.15 -26.60
CA ALA C 30 -28.25 10.99 -25.87
C ALA C 30 -28.85 9.97 -26.82
N ALA C 31 -29.58 10.45 -27.84
CA ALA C 31 -30.12 9.55 -28.84
C ALA C 31 -29.01 8.83 -29.60
N ASP C 32 -27.93 9.54 -29.95
CA ASP C 32 -26.83 8.88 -30.65
C ASP C 32 -26.15 7.83 -29.79
N LEU C 33 -25.92 8.12 -28.51
CA LEU C 33 -25.33 7.12 -27.62
C LEU C 33 -26.24 5.91 -27.46
N MET C 34 -27.55 6.14 -27.31
CA MET C 34 -28.50 5.02 -27.24
C MET C 34 -28.45 4.20 -28.52
N ALA C 35 -28.41 4.86 -29.67
CA ALA C 35 -28.36 4.15 -30.94
C ALA C 35 -27.09 3.30 -31.04
N TYR C 36 -25.96 3.83 -30.62
CA TYR C 36 -24.73 3.06 -30.65
C TYR C 36 -24.83 1.85 -29.73
N CYS C 37 -25.38 2.03 -28.53
CA CYS C 37 -25.51 0.92 -27.59
C CYS C 37 -26.41 -0.17 -28.18
N GLU C 38 -27.54 0.23 -28.78
CA GLU C 38 -28.42 -0.78 -29.37
C GLU C 38 -27.77 -1.47 -30.55
N ALA C 39 -27.00 -0.75 -31.36
CA ALA C 39 -26.39 -1.36 -32.53
C ALA C 39 -25.26 -2.31 -32.15
N HIS C 40 -24.60 -2.08 -31.02
CA HIS C 40 -23.45 -2.89 -30.65
C HIS C 40 -23.66 -3.76 -29.41
N ALA C 41 -24.89 -3.87 -28.91
CA ALA C 41 -25.13 -4.70 -27.72
C ALA C 41 -24.75 -6.16 -27.96
N LYS C 42 -25.11 -6.71 -29.12
CA LYS C 42 -24.87 -8.12 -29.37
C LYS C 42 -23.41 -8.45 -29.66
N GLU C 43 -22.54 -7.45 -29.78
CA GLU C 43 -21.12 -7.66 -29.95
C GLU C 43 -20.34 -7.51 -28.65
N ASP C 44 -21.04 -7.52 -27.50
CA ASP C 44 -20.43 -7.27 -26.20
C ASP C 44 -20.50 -8.53 -25.36
N PRO C 45 -19.44 -9.33 -25.31
CA PRO C 45 -19.45 -10.54 -24.48
C PRO C 45 -19.63 -10.26 -22.99
N LEU C 46 -19.10 -9.14 -22.52
CA LEU C 46 -19.23 -8.80 -21.10
C LEU C 46 -20.69 -8.54 -20.72
N LEU C 47 -21.42 -7.81 -21.57
CA LEU C 47 -22.83 -7.56 -21.30
C LEU C 47 -23.68 -8.79 -21.57
N THR C 48 -23.42 -9.49 -22.67
CA THR C 48 -24.13 -10.71 -23.02
C THR C 48 -23.13 -11.87 -22.98
N PRO C 49 -23.17 -12.69 -21.93
CA PRO C 49 -22.11 -13.68 -21.72
C PRO C 49 -21.99 -14.66 -22.89
N VAL C 50 -20.75 -15.02 -23.21
CA VAL C 50 -20.44 -15.99 -24.25
C VAL C 50 -20.47 -17.39 -23.64
N PRO C 51 -20.74 -18.43 -24.44
CA PRO C 51 -20.68 -19.79 -23.91
C PRO C 51 -19.24 -20.23 -23.68
N ALA C 52 -19.11 -21.32 -22.92
CA ALA C 52 -17.79 -21.85 -22.59
C ALA C 52 -17.00 -22.26 -23.83
N SER C 53 -17.68 -22.68 -24.90
CA SER C 53 -16.99 -23.01 -26.14
C SER C 53 -16.37 -21.77 -26.77
N GLU C 54 -17.13 -20.67 -26.82
CA GLU C 54 -16.62 -19.44 -27.40
C GLU C 54 -15.67 -18.71 -26.47
N ASN C 55 -15.89 -18.80 -25.15
CA ASN C 55 -15.10 -18.09 -24.15
C ASN C 55 -13.65 -18.52 -24.22
N PRO C 56 -12.75 -17.64 -24.66
CA PRO C 56 -11.32 -18.01 -24.74
C PRO C 56 -10.69 -18.24 -23.38
N PHE C 57 -11.28 -17.74 -22.30
CA PHE C 57 -10.78 -17.95 -20.95
C PHE C 57 -11.58 -18.99 -20.18
N ARG C 58 -12.03 -20.04 -20.85
CA ARG C 58 -12.83 -21.09 -20.24
C ARG C 58 -12.03 -21.84 -19.17
N GLN D 1 -17.28 23.67 -11.99
CA GLN D 1 -15.88 24.04 -11.83
C GLN D 1 -15.60 24.54 -10.42
N VAL D 2 -14.52 24.06 -9.83
CA VAL D 2 -14.17 24.43 -8.45
C VAL D 2 -13.80 25.90 -8.42
N GLN D 3 -14.62 26.71 -7.74
CA GLN D 3 -14.41 28.14 -7.63
C GLN D 3 -14.36 28.53 -6.16
N LEU D 4 -13.38 29.35 -5.80
CA LEU D 4 -13.22 29.87 -4.45
C LEU D 4 -12.96 31.37 -4.54
N GLN D 5 -14.00 32.17 -4.30
CA GLN D 5 -13.92 33.62 -4.46
C GLN D 5 -13.90 34.27 -3.08
N GLU D 6 -12.84 35.02 -2.80
CA GLU D 6 -12.68 35.64 -1.48
C GLU D 6 -13.05 37.11 -1.53
N SER D 7 -13.31 37.67 -0.35
CA SER D 7 -13.68 39.06 -0.20
C SER D 7 -13.35 39.52 1.21
N GLY D 8 -13.34 40.85 1.39
CA GLY D 8 -13.12 41.45 2.68
C GLY D 8 -11.73 41.99 2.93
N GLY D 9 -10.74 41.56 2.15
CA GLY D 9 -9.39 42.05 2.35
C GLY D 9 -9.26 43.50 1.94
N GLY D 10 -8.49 44.25 2.71
CA GLY D 10 -8.30 45.66 2.41
C GLY D 10 -7.39 46.32 3.42
N LEU D 11 -7.18 47.62 3.21
CA LEU D 11 -6.32 48.40 4.10
C LEU D 11 -6.94 48.49 5.49
N VAL D 12 -6.11 48.35 6.52
CA VAL D 12 -6.57 48.41 7.89
C VAL D 12 -5.43 48.89 8.78
N GLN D 13 -5.78 49.68 9.79
CA GLN D 13 -4.81 50.18 10.74
C GLN D 13 -4.22 49.03 11.55
N PRO D 14 -2.95 49.12 11.94
CA PRO D 14 -2.36 48.08 12.80
C PRO D 14 -3.14 47.93 14.10
N GLY D 15 -3.27 46.67 14.54
CA GLY D 15 -4.12 46.36 15.68
C GLY D 15 -5.58 46.23 15.35
N GLY D 16 -5.97 46.28 14.08
CA GLY D 16 -7.36 46.22 13.70
C GLY D 16 -7.88 44.81 13.53
N SER D 17 -9.14 44.73 13.11
CA SER D 17 -9.83 43.46 12.88
C SER D 17 -10.46 43.47 11.51
N LEU D 18 -10.43 42.32 10.84
CA LEU D 18 -10.92 42.26 9.46
C LEU D 18 -11.42 40.85 9.18
N ARG D 19 -12.57 40.74 8.52
CA ARG D 19 -13.22 39.45 8.31
C ARG D 19 -13.06 39.04 6.85
N LEU D 20 -12.14 38.12 6.58
CA LEU D 20 -12.03 37.56 5.24
C LEU D 20 -13.08 36.48 5.05
N SER D 21 -13.78 36.55 3.92
CA SER D 21 -14.83 35.60 3.59
C SER D 21 -14.47 34.89 2.30
N CYS D 22 -14.94 33.65 2.16
CA CYS D 22 -14.61 32.77 1.05
C CYS D 22 -15.88 32.05 0.61
N ALA D 23 -16.36 32.36 -0.59
CA ALA D 23 -17.51 31.70 -1.17
C ALA D 23 -17.03 30.57 -2.07
N ALA D 24 -17.54 29.37 -1.83
CA ALA D 24 -17.12 28.17 -2.53
C ALA D 24 -18.25 27.68 -3.44
N SER D 25 -17.87 27.25 -4.64
CA SER D 25 -18.84 26.74 -5.59
C SER D 25 -18.21 25.60 -6.38
N GLY D 26 -19.07 24.72 -6.90
CA GLY D 26 -18.60 23.62 -7.71
C GLY D 26 -18.20 22.37 -6.98
N PHE D 27 -18.42 22.30 -5.67
CA PHE D 27 -18.13 21.09 -4.92
C PHE D 27 -18.94 21.08 -3.63
N THR D 28 -18.99 19.90 -3.01
CA THR D 28 -19.70 19.71 -1.75
C THR D 28 -18.85 20.22 -0.60
N PHE D 29 -19.23 21.36 -0.01
CA PHE D 29 -18.38 22.04 0.94
C PHE D 29 -18.09 21.18 2.16
N SER D 30 -19.10 20.48 2.66
CA SER D 30 -18.99 19.73 3.92
C SER D 30 -18.06 18.53 3.82
N ASN D 31 -17.74 18.04 2.63
CA ASN D 31 -16.91 16.85 2.48
C ASN D 31 -15.42 17.15 2.53
N TYR D 32 -15.01 18.39 2.28
CA TYR D 32 -13.55 18.62 2.14
C TYR D 32 -13.05 19.45 3.30
N LYS D 33 -11.79 19.33 3.63
CA LYS D 33 -11.19 20.17 4.67
C LYS D 33 -10.87 21.48 4.00
N MET D 34 -10.72 22.54 4.78
CA MET D 34 -10.46 23.86 4.24
C MET D 34 -9.25 24.51 4.92
N ASN D 35 -8.59 25.40 4.20
CA ASN D 35 -7.36 26.00 4.74
C ASN D 35 -7.26 27.44 4.27
N TRP D 36 -6.73 28.33 5.09
CA TRP D 36 -6.32 29.68 4.72
C TRP D 36 -4.81 29.71 4.62
N VAL D 37 -4.31 30.19 3.48
CA VAL D 37 -2.88 30.36 3.26
C VAL D 37 -2.63 31.82 2.90
N ARG D 38 -1.39 32.25 3.03
CA ARG D 38 -1.05 33.62 2.71
C ARG D 38 0.28 33.68 1.98
N GLN D 39 0.43 34.73 1.17
CA GLN D 39 1.65 34.99 0.40
C GLN D 39 2.05 36.43 0.70
N ALA D 40 3.15 36.59 1.44
CA ALA D 40 3.64 37.92 1.78
C ALA D 40 4.35 38.52 0.58
N PRO D 41 4.43 39.85 0.50
CA PRO D 41 5.18 40.48 -0.60
C PRO D 41 6.64 40.04 -0.59
N GLY D 42 7.06 39.43 -1.71
CA GLY D 42 8.41 38.93 -1.85
C GLY D 42 8.68 37.58 -1.21
N LYS D 43 7.67 36.96 -0.60
CA LYS D 43 7.84 35.69 0.07
C LYS D 43 7.02 34.59 -0.61
N GLY D 44 7.26 33.36 -0.19
CA GLY D 44 6.52 32.23 -0.68
C GLY D 44 5.21 32.03 0.05
N LEU D 45 4.45 31.03 -0.38
CA LEU D 45 3.16 30.73 0.21
C LEU D 45 3.34 30.18 1.62
N GLU D 46 2.59 30.72 2.57
CA GLU D 46 2.70 30.36 3.97
C GLU D 46 1.33 29.90 4.48
N TRP D 47 1.31 28.73 5.11
CA TRP D 47 0.07 28.19 5.64
C TRP D 47 -0.32 28.93 6.92
N VAL D 48 -1.58 29.35 6.99
CA VAL D 48 -2.07 30.13 8.11
C VAL D 48 -3.00 29.32 9.02
N SER D 49 -4.02 28.67 8.46
CA SER D 49 -4.98 28.00 9.32
C SER D 49 -5.69 26.91 8.52
N ASP D 50 -6.35 26.00 9.25
CA ASP D 50 -7.21 25.03 8.60
C ASP D 50 -8.32 24.59 9.54
N ILE D 51 -9.41 24.12 8.94
CA ILE D 51 -10.57 23.62 9.65
C ILE D 51 -11.05 22.37 8.94
N SER D 52 -11.45 21.35 9.72
CA SER D 52 -11.78 20.05 9.16
C SER D 52 -13.17 20.08 8.53
N GLN D 53 -13.65 18.89 8.17
CA GLN D 53 -14.94 18.76 7.49
C GLN D 53 -16.08 19.21 8.39
N SER D 54 -16.12 18.68 9.62
CA SER D 54 -17.21 18.99 10.54
C SER D 54 -17.08 20.38 11.16
N GLY D 55 -15.89 20.97 11.12
CA GLY D 55 -15.65 22.24 11.76
C GLY D 55 -15.21 22.15 13.20
N ALA D 56 -15.15 20.95 13.77
CA ALA D 56 -14.73 20.80 15.16
C ALA D 56 -13.22 20.92 15.31
N SER D 57 -12.46 20.39 14.36
CA SER D 57 -11.00 20.38 14.43
C SER D 57 -10.45 21.61 13.75
N ILE D 58 -9.71 22.42 14.52
CA ILE D 58 -9.18 23.69 14.06
C ILE D 58 -7.69 23.75 14.36
N SER D 59 -6.91 24.25 13.42
CA SER D 59 -5.50 24.45 13.66
C SER D 59 -5.06 25.77 13.05
N TYR D 60 -4.08 26.41 13.70
CA TYR D 60 -3.51 27.66 13.24
C TYR D 60 -2.00 27.52 13.18
N THR D 61 -1.38 28.35 12.35
CA THR D 61 0.07 28.47 12.41
C THR D 61 0.45 29.19 13.69
N GLY D 62 1.70 28.98 14.12
CA GLY D 62 2.12 29.52 15.41
C GLY D 62 2.01 31.02 15.50
N SER D 63 2.32 31.72 14.41
CA SER D 63 2.38 33.18 14.41
C SER D 63 1.02 33.84 14.52
N VAL D 64 -0.09 33.10 14.40
CA VAL D 64 -1.42 33.69 14.40
C VAL D 64 -2.31 33.15 15.51
N LYS D 65 -1.78 32.28 16.37
CA LYS D 65 -2.60 31.69 17.43
C LYS D 65 -3.11 32.75 18.37
N GLY D 66 -4.41 32.71 18.66
CA GLY D 66 -5.03 33.66 19.55
C GLY D 66 -5.50 34.93 18.87
N ARG D 67 -5.01 35.15 17.64
CA ARG D 67 -5.36 36.37 16.93
C ARG D 67 -6.40 36.11 15.84
N PHE D 68 -6.13 35.17 14.94
CA PHE D 68 -7.04 34.84 13.86
C PHE D 68 -7.89 33.65 14.26
N THR D 69 -9.13 33.62 13.77
CA THR D 69 -10.05 32.54 14.05
C THR D 69 -10.69 32.08 12.74
N ILE D 70 -10.62 30.79 12.47
CA ILE D 70 -11.24 30.21 11.28
C ILE D 70 -12.62 29.70 11.63
N SER D 71 -13.51 29.70 10.63
CA SER D 71 -14.82 29.08 10.79
C SER D 71 -15.35 28.68 9.43
N ARG D 72 -16.31 27.77 9.42
CA ARG D 72 -16.95 27.32 8.20
C ARG D 72 -18.46 27.35 8.39
N ASP D 73 -19.18 27.66 7.32
CA ASP D 73 -20.63 27.64 7.29
C ASP D 73 -21.03 26.71 6.16
N ASN D 74 -21.46 25.50 6.51
CA ASN D 74 -21.80 24.50 5.51
C ASN D 74 -23.14 24.81 4.85
N ALA D 75 -24.11 25.33 5.60
CA ALA D 75 -25.39 25.69 5.02
C ALA D 75 -25.27 26.82 4.00
N LYS D 76 -24.21 27.64 4.11
CA LYS D 76 -23.96 28.70 3.15
C LYS D 76 -22.68 28.46 2.35
N ASN D 77 -22.00 27.35 2.58
CA ASN D 77 -20.82 26.95 1.80
C ASN D 77 -19.78 28.06 1.75
N THR D 78 -19.37 28.51 2.94
CA THR D 78 -18.42 29.62 2.99
C THR D 78 -17.43 29.40 4.13
N LEU D 79 -16.29 30.09 4.02
CA LEU D 79 -15.21 30.00 4.99
C LEU D 79 -14.84 31.39 5.47
N TYR D 80 -14.60 31.53 6.78
CA TYR D 80 -14.30 32.82 7.37
C TYR D 80 -12.96 32.77 8.10
N LEU D 81 -12.21 33.87 7.99
CA LEU D 81 -11.04 34.13 8.81
C LEU D 81 -11.24 35.48 9.47
N GLN D 82 -11.55 35.47 10.76
CA GLN D 82 -11.67 36.68 11.56
C GLN D 82 -10.30 37.06 12.11
N MET D 83 -9.71 38.14 11.62
CA MET D 83 -8.40 38.58 12.07
C MET D 83 -8.54 39.69 13.11
N ASN D 84 -7.81 39.55 14.21
CA ASN D 84 -7.78 40.54 15.27
C ASN D 84 -6.34 40.79 15.68
N SER D 85 -6.10 41.99 16.23
CA SER D 85 -4.77 42.40 16.66
C SER D 85 -3.78 42.30 15.50
N LEU D 86 -4.18 42.87 14.36
CA LEU D 86 -3.39 42.76 13.15
C LEU D 86 -2.06 43.51 13.27
N LYS D 87 -1.07 43.02 12.54
CA LYS D 87 0.30 43.52 12.58
C LYS D 87 0.76 43.89 11.17
N PRO D 88 1.75 44.77 11.03
CA PRO D 88 2.26 45.10 9.70
C PRO D 88 2.77 43.90 8.91
N GLU D 89 3.28 42.87 9.60
CA GLU D 89 3.74 41.68 8.90
C GLU D 89 2.58 40.82 8.39
N ASP D 90 1.35 41.13 8.77
CA ASP D 90 0.18 40.42 8.26
C ASP D 90 -0.24 40.89 6.87
N THR D 91 0.40 41.92 6.32
CA THR D 91 0.10 42.35 4.96
C THR D 91 0.52 41.26 3.97
N ALA D 92 -0.42 40.80 3.17
CA ALA D 92 -0.19 39.67 2.28
C ALA D 92 -1.43 39.42 1.45
N VAL D 93 -1.29 38.59 0.42
CA VAL D 93 -2.44 38.09 -0.31
C VAL D 93 -2.90 36.79 0.33
N TYR D 94 -4.17 36.74 0.73
CA TYR D 94 -4.70 35.59 1.44
C TYR D 94 -5.55 34.76 0.49
N TYR D 95 -5.21 33.48 0.38
CA TYR D 95 -5.89 32.54 -0.51
C TYR D 95 -6.66 31.53 0.31
N CYS D 96 -7.92 31.33 -0.06
CA CYS D 96 -8.76 30.29 0.50
C CYS D 96 -8.50 29.00 -0.25
N ALA D 97 -7.83 28.05 0.43
CA ALA D 97 -7.40 26.80 -0.23
C ALA D 97 -8.29 25.64 0.17
N ARG D 98 -8.16 24.51 -0.52
CA ARG D 98 -9.02 23.36 -0.28
C ARG D 98 -8.13 22.14 -0.23
N CYS D 99 -8.58 21.09 0.44
CA CYS D 99 -7.80 19.84 0.43
C CYS D 99 -8.10 19.14 -0.87
N PRO D 100 -7.14 18.39 -1.45
CA PRO D 100 -7.37 17.80 -2.76
C PRO D 100 -8.38 16.64 -2.84
N ALA D 101 -8.94 16.16 -1.73
CA ALA D 101 -9.85 14.98 -1.73
C ALA D 101 -10.82 15.01 -0.55
N PRO D 102 -12.03 14.42 -0.64
CA PRO D 102 -13.02 14.51 0.44
C PRO D 102 -12.90 13.35 1.41
N PHE D 103 -13.38 13.59 2.64
CA PHE D 103 -13.35 12.60 3.70
C PHE D 103 -11.94 12.17 4.05
N THR D 104 -10.95 12.92 3.58
CA THR D 104 -9.56 12.51 3.68
C THR D 104 -8.82 13.37 4.69
N ARG D 105 -7.87 12.76 5.41
CA ARG D 105 -7.19 13.46 6.48
C ARG D 105 -5.97 14.25 6.00
N ASP D 106 -5.22 13.71 5.05
CA ASP D 106 -4.05 14.44 4.48
C ASP D 106 -4.48 15.64 3.64
N CYS D 107 -3.95 16.84 3.91
CA CYS D 107 -4.23 18.03 3.06
C CYS D 107 -2.96 18.40 2.33
N PHE D 108 -2.57 17.60 1.35
CA PHE D 108 -1.30 17.77 0.63
C PHE D 108 -1.33 18.85 -0.46
N ASP D 109 -0.36 19.78 -0.49
CA ASP D 109 -0.13 20.68 -1.62
C ASP D 109 -0.90 21.99 -1.58
N VAL D 110 -1.58 22.28 -0.46
CA VAL D 110 -2.43 23.50 -0.42
C VAL D 110 -1.56 24.75 -0.58
N THR D 111 -0.26 24.68 -0.32
CA THR D 111 0.63 25.83 -0.41
C THR D 111 1.51 25.81 -1.65
N SER D 112 1.18 24.99 -2.65
CA SER D 112 2.00 24.91 -3.84
C SER D 112 1.85 26.17 -4.69
N THR D 113 2.91 26.48 -5.44
CA THR D 113 2.92 27.69 -6.25
C THR D 113 1.84 27.65 -7.33
N THR D 114 1.63 26.48 -7.94
CA THR D 114 0.64 26.32 -9.00
C THR D 114 -0.48 25.39 -8.56
N TYR D 115 -0.94 25.54 -7.31
CA TYR D 115 -2.01 24.68 -6.76
C TYR D 115 -3.29 24.93 -7.53
N ALA D 116 -4.13 23.91 -7.64
CA ALA D 116 -5.30 23.98 -8.50
C ALA D 116 -6.53 24.50 -7.76
N TYR D 117 -6.92 23.82 -6.67
CA TYR D 117 -8.16 24.15 -5.97
C TYR D 117 -7.95 25.25 -4.93
N ARG D 118 -7.36 26.35 -5.36
CA ARG D 118 -7.06 27.47 -4.48
C ARG D 118 -7.69 28.73 -5.04
N GLY D 119 -8.18 29.59 -4.16
CA GLY D 119 -8.84 30.80 -4.60
C GLY D 119 -7.88 31.83 -5.16
N GLN D 120 -8.46 32.85 -5.80
CA GLN D 120 -7.68 33.95 -6.33
C GLN D 120 -6.99 34.74 -5.22
N GLY D 121 -7.63 34.88 -4.07
CA GLY D 121 -7.02 35.58 -2.95
C GLY D 121 -7.42 37.04 -2.90
N THR D 122 -7.42 37.57 -1.68
CA THR D 122 -7.71 38.99 -1.44
C THR D 122 -6.54 39.60 -0.69
N GLN D 123 -6.20 40.83 -1.04
CA GLN D 123 -5.03 41.47 -0.46
C GLN D 123 -5.40 42.18 0.83
N VAL D 124 -4.62 41.94 1.89
CA VAL D 124 -4.80 42.61 3.17
C VAL D 124 -3.56 43.44 3.43
N THR D 125 -3.75 44.75 3.57
CA THR D 125 -2.66 45.68 3.83
C THR D 125 -2.82 46.26 5.23
N VAL D 126 -1.78 46.14 6.04
CA VAL D 126 -1.85 46.62 7.41
C VAL D 126 -0.80 47.71 7.64
N VAL E 2 10.49 -37.11 30.42
CA VAL E 2 9.50 -36.84 29.39
C VAL E 2 8.21 -37.51 29.80
N GLU E 4 5.04 -38.39 28.38
CA GLU E 4 4.47 -39.48 27.60
C GLU E 4 5.35 -40.72 27.64
N ILE E 5 6.66 -40.53 27.59
CA ILE E 5 7.61 -41.64 27.61
C ILE E 5 7.66 -42.29 28.99
N GLN E 6 7.73 -41.47 30.04
CA GLN E 6 7.80 -42.03 31.39
C GLN E 6 6.51 -42.74 31.76
N LEU E 7 5.37 -42.19 31.34
CA LEU E 7 4.09 -42.86 31.57
C LEU E 7 4.05 -44.21 30.87
N MET E 8 4.53 -44.25 29.62
CA MET E 8 4.53 -45.51 28.87
C MET E 8 5.47 -46.54 29.51
N HIS E 9 6.64 -46.09 29.97
CA HIS E 9 7.55 -46.99 30.68
C HIS E 9 6.94 -47.51 31.99
N GLN E 10 6.21 -46.67 32.70
CA GLN E 10 5.72 -47.14 34.00
C GLN E 10 4.53 -48.04 33.73
N ALA E 12 4.46 -50.04 31.27
CA ALA E 12 5.19 -51.23 30.89
C ALA E 12 5.61 -52.05 32.09
N LYS E 13 6.29 -51.39 33.04
CA LYS E 13 6.79 -52.06 34.24
C LYS E 13 5.63 -52.67 35.03
N TRP E 14 4.55 -51.92 35.18
CA TRP E 14 3.38 -52.42 35.88
C TRP E 14 2.47 -53.18 34.92
N GLU F 181 -4.21 -54.15 43.93
CA GLU F 181 -3.53 -52.94 43.44
C GLU F 181 -4.28 -52.30 42.28
N THR F 182 -5.61 -52.18 42.41
CA THR F 182 -6.41 -51.58 41.35
C THR F 182 -6.33 -50.06 41.34
N ARG F 183 -5.73 -49.45 42.37
CA ARG F 183 -5.67 -48.00 42.42
C ARG F 183 -4.82 -47.43 41.30
N GLU F 184 -3.64 -48.01 41.05
CA GLU F 184 -2.82 -47.51 39.95
C GLU F 184 -3.46 -47.82 38.61
N ARG F 185 -4.21 -48.92 38.52
CA ARG F 185 -4.95 -49.19 37.29
C ARG F 185 -5.99 -48.10 37.03
N GLU F 186 -6.71 -47.69 38.07
CA GLU F 186 -7.67 -46.60 37.92
C GLU F 186 -6.97 -45.30 37.56
N VAL F 187 -5.81 -45.05 38.15
CA VAL F 187 -5.05 -43.84 37.84
C VAL F 187 -4.63 -43.81 36.38
N PHE F 188 -4.08 -44.92 35.90
CA PHE F 188 -3.66 -44.99 34.50
C PHE F 188 -4.86 -44.88 33.56
N ASP F 189 -5.99 -45.48 33.94
CA ASP F 189 -7.19 -45.35 33.11
C ASP F 189 -7.65 -43.91 33.04
N ARG F 190 -7.64 -43.20 34.17
CA ARG F 190 -8.05 -41.79 34.16
C ARG F 190 -7.11 -40.95 33.32
N LEU F 191 -5.80 -41.21 33.43
CA LEU F 191 -4.85 -40.52 32.55
C LEU F 191 -5.15 -40.80 31.09
N GLY F 192 -5.41 -42.06 30.77
CA GLY F 192 -5.74 -42.42 29.39
C GLY F 192 -6.96 -41.67 28.88
N MET F 193 -8.02 -41.61 29.69
CA MET F 193 -9.21 -40.88 29.28
C MET F 193 -8.92 -39.40 29.07
N ILE F 194 -8.17 -38.79 29.99
CA ILE F 194 -7.98 -37.34 29.89
C ILE F 194 -7.15 -36.99 28.66
N TYR F 195 -6.04 -37.70 28.41
CA TYR F 195 -5.33 -37.29 27.21
C TYR F 195 -5.98 -37.82 25.94
N THR F 196 -6.84 -38.84 26.03
CA THR F 196 -7.59 -39.24 24.86
C THR F 196 -8.56 -38.15 24.43
N VAL F 197 -9.31 -37.60 25.39
CA VAL F 197 -10.20 -36.49 25.08
C VAL F 197 -9.41 -35.30 24.57
N GLY F 198 -8.30 -34.98 25.25
CA GLY F 198 -7.51 -33.83 24.85
C GLY F 198 -6.96 -33.96 23.45
N TYR F 199 -6.36 -35.11 23.14
CA TYR F 199 -5.80 -35.33 21.81
C TYR F 199 -6.87 -35.43 20.74
N SER F 200 -8.05 -35.95 21.06
CA SER F 200 -9.13 -35.96 20.08
C SER F 200 -9.55 -34.55 19.70
N VAL F 201 -9.80 -33.70 20.71
CA VAL F 201 -10.17 -32.32 20.41
C VAL F 201 -9.04 -31.61 19.67
N SER F 202 -7.80 -31.82 20.10
CA SER F 202 -6.67 -31.16 19.47
C SER F 202 -6.49 -31.61 18.03
N LEU F 203 -6.65 -32.91 17.76
CA LEU F 203 -6.50 -33.42 16.41
C LEU F 203 -7.58 -32.87 15.50
N ALA F 204 -8.82 -32.80 15.98
CA ALA F 204 -9.89 -32.23 15.18
C ALA F 204 -9.60 -30.77 14.84
N SER F 205 -9.26 -29.98 15.86
CA SER F 205 -9.00 -28.56 15.63
C SER F 205 -7.80 -28.34 14.71
N LEU F 206 -6.75 -29.15 14.88
CA LEU F 206 -5.56 -28.98 14.06
C LEU F 206 -5.79 -29.43 12.63
N THR F 207 -6.60 -30.47 12.41
CA THR F 207 -6.97 -30.85 11.04
C THR F 207 -7.74 -29.71 10.38
N VAL F 208 -8.70 -29.13 11.09
CA VAL F 208 -9.45 -28.00 10.53
C VAL F 208 -8.51 -26.85 10.21
N ALA F 209 -7.59 -26.55 11.13
CA ALA F 209 -6.68 -25.43 10.95
C ALA F 209 -5.75 -25.63 9.77
N VAL F 210 -5.19 -26.85 9.62
CA VAL F 210 -4.28 -27.10 8.52
C VAL F 210 -5.01 -27.10 7.20
N LEU F 211 -6.26 -27.59 7.16
CA LEU F 211 -7.06 -27.48 5.94
C LEU F 211 -7.30 -26.02 5.58
N ILE F 212 -7.60 -25.20 6.57
CA ILE F 212 -7.82 -23.77 6.32
C ILE F 212 -6.56 -23.12 5.77
N LEU F 213 -5.40 -23.43 6.38
CA LEU F 213 -4.16 -22.83 5.93
C LEU F 213 -3.81 -23.28 4.51
N ALA F 214 -3.99 -24.56 4.20
CA ALA F 214 -3.62 -25.05 2.87
C ALA F 214 -4.60 -24.56 1.82
N TYR F 215 -5.86 -24.33 2.19
CA TYR F 215 -6.87 -23.95 1.21
C TYR F 215 -6.59 -22.57 0.63
N PHE F 216 -6.34 -21.57 1.48
CA PHE F 216 -6.18 -20.19 1.04
C PHE F 216 -4.77 -20.01 0.50
N ARG F 217 -4.65 -19.56 -0.75
CA ARG F 217 -3.35 -19.40 -1.37
C ARG F 217 -2.62 -18.17 -0.85
N ARG F 218 -3.37 -17.16 -0.38
CA ARG F 218 -2.73 -15.95 0.12
C ARG F 218 -1.91 -16.24 1.38
N LEU F 219 -2.39 -17.15 2.22
CA LEU F 219 -1.71 -17.46 3.47
C LEU F 219 -0.37 -18.16 3.28
N HIS F 220 -0.07 -18.63 2.07
CA HIS F 220 1.18 -19.33 1.82
C HIS F 220 2.35 -18.40 2.08
N CYS F 221 3.11 -18.68 3.13
CA CYS F 221 4.23 -17.85 3.56
C CYS F 221 5.18 -18.74 4.34
N THR F 222 6.39 -18.22 4.59
CA THR F 222 7.35 -18.98 5.39
C THR F 222 6.82 -19.28 6.78
N ARG F 223 6.25 -18.27 7.45
CA ARG F 223 5.69 -18.48 8.78
C ARG F 223 4.58 -19.52 8.74
N ASN F 224 3.69 -19.41 7.75
CA ASN F 224 2.58 -20.36 7.66
C ASN F 224 3.03 -21.72 7.18
N TYR F 225 4.09 -21.81 6.37
CA TYR F 225 4.64 -23.11 6.03
C TYR F 225 5.17 -23.82 7.28
N ILE F 226 5.90 -23.08 8.12
CA ILE F 226 6.43 -23.67 9.34
C ILE F 226 5.30 -24.02 10.31
N HIS F 227 4.25 -23.20 10.34
CA HIS F 227 3.07 -23.52 11.15
C HIS F 227 2.36 -24.77 10.63
N MET F 228 2.28 -24.94 9.31
CA MET F 228 1.68 -26.14 8.76
C MET F 228 2.48 -27.37 9.13
N HIS F 229 3.81 -27.27 9.09
CA HIS F 229 4.64 -28.37 9.56
C HIS F 229 4.39 -28.67 11.03
N LEU F 230 4.27 -27.62 11.86
CA LEU F 230 4.02 -27.83 13.28
C LEU F 230 2.67 -28.51 13.50
N PHE F 231 1.65 -28.10 12.75
CA PHE F 231 0.33 -28.72 12.85
C PHE F 231 0.40 -30.19 12.44
N LEU F 232 1.14 -30.49 11.38
CA LEU F 232 1.30 -31.88 10.96
C LEU F 232 2.00 -32.71 12.03
N SER F 233 3.01 -32.13 12.67
CA SER F 233 3.70 -32.84 13.76
C SER F 233 2.76 -33.10 14.93
N PHE F 234 1.92 -32.12 15.29
CA PHE F 234 0.94 -32.34 16.35
C PHE F 234 -0.04 -33.45 15.99
N MET F 235 -0.54 -33.42 14.76
CA MET F 235 -1.48 -34.45 14.30
C MET F 235 -0.84 -35.83 14.36
N LEU F 236 0.41 -35.94 13.89
CA LEU F 236 1.10 -37.22 13.92
C LEU F 236 1.34 -37.69 15.36
N ARG F 237 1.67 -36.76 16.26
CA ARG F 237 1.81 -37.13 17.67
C ARG F 237 0.52 -37.72 18.21
N ALA F 238 -0.61 -37.06 17.96
CA ALA F 238 -1.88 -37.55 18.48
C ALA F 238 -2.24 -38.92 17.90
N VAL F 239 -2.14 -39.07 16.59
CA VAL F 239 -2.53 -40.33 15.98
C VAL F 239 -1.58 -41.44 16.37
N SER F 240 -0.28 -41.14 16.52
CA SER F 240 0.68 -42.14 16.95
C SER F 240 0.44 -42.59 18.38
N ILE F 241 0.05 -41.65 19.25
CA ILE F 241 -0.29 -42.02 20.62
C ILE F 241 -1.51 -42.93 20.64
N PHE F 242 -2.52 -42.61 19.83
CA PHE F 242 -3.69 -43.48 19.73
C PHE F 242 -3.32 -44.86 19.22
N VAL F 243 -2.46 -44.92 18.20
CA VAL F 243 -2.05 -46.21 17.63
C VAL F 243 -1.29 -47.03 18.66
N LYS F 244 -0.40 -46.38 19.42
CA LYS F 244 0.34 -47.08 20.47
C LYS F 244 -0.61 -47.61 21.55
N ASP F 245 -1.60 -46.80 21.94
CA ASP F 245 -2.58 -47.27 22.92
C ASP F 245 -3.34 -48.48 22.40
N ALA F 246 -3.71 -48.48 21.12
CA ALA F 246 -4.47 -49.59 20.56
C ALA F 246 -3.61 -50.85 20.46
N VAL F 247 -2.39 -50.72 19.96
CA VAL F 247 -1.55 -51.89 19.72
C VAL F 247 -1.04 -52.47 21.04
N LEU F 248 -0.64 -51.62 21.97
CA LEU F 248 0.12 -52.03 23.15
C LEU F 248 -0.72 -52.25 24.39
N TYR F 249 -1.80 -51.50 24.58
CA TYR F 249 -2.55 -51.54 25.83
C TYR F 249 -4.00 -51.95 25.67
N SER F 250 -4.38 -52.55 24.56
CA SER F 250 -5.75 -53.05 24.39
C SER F 250 -5.88 -54.46 24.96
N GLY F 281 5.94 -59.53 22.07
CA GLY F 281 7.12 -58.82 21.60
C GLY F 281 7.35 -58.96 20.11
N TYR F 282 6.31 -58.72 19.31
CA TYR F 282 6.41 -58.87 17.87
C TYR F 282 6.88 -57.57 17.23
N ALA F 283 7.15 -57.64 15.92
CA ALA F 283 7.69 -56.50 15.20
C ALA F 283 6.68 -55.35 15.14
N GLY F 284 5.39 -55.66 15.01
CA GLY F 284 4.39 -54.61 14.91
C GLY F 284 4.32 -53.75 16.15
N CYS F 285 4.35 -54.38 17.33
CA CYS F 285 4.34 -53.63 18.58
C CYS F 285 5.57 -52.75 18.71
N ARG F 286 6.74 -53.29 18.34
CA ARG F 286 7.98 -52.53 18.42
C ARG F 286 7.97 -51.34 17.48
N VAL F 287 7.48 -51.52 16.25
CA VAL F 287 7.43 -50.38 15.33
C VAL F 287 6.37 -49.37 15.79
N ALA F 288 5.30 -49.84 16.43
CA ALA F 288 4.34 -48.89 17.00
C ALA F 288 4.99 -48.03 18.08
N VAL F 289 5.77 -48.65 18.96
CA VAL F 289 6.47 -47.90 20.01
C VAL F 289 7.48 -46.93 19.39
N THR F 290 8.21 -47.40 18.37
CA THR F 290 9.18 -46.55 17.70
C THR F 290 8.52 -45.35 17.05
N PHE F 291 7.38 -45.57 16.37
CA PHE F 291 6.67 -44.45 15.78
C PHE F 291 6.11 -43.50 16.83
N PHE F 292 5.68 -44.03 17.98
CA PHE F 292 5.24 -43.16 19.06
C PHE F 292 6.37 -42.24 19.50
N LEU F 293 7.54 -42.81 19.76
CA LEU F 293 8.68 -42.01 20.20
C LEU F 293 9.08 -41.01 19.13
N TYR F 294 9.10 -41.44 17.87
CA TYR F 294 9.52 -40.57 16.78
C TYR F 294 8.56 -39.39 16.60
N PHE F 295 7.25 -39.66 16.61
CA PHE F 295 6.29 -38.60 16.40
C PHE F 295 6.07 -37.76 17.65
N LEU F 296 6.60 -38.19 18.79
CA LEU F 296 6.72 -37.30 19.94
C LEU F 296 7.91 -36.36 19.76
N ALA F 297 9.08 -36.93 19.41
CA ALA F 297 10.29 -36.15 19.29
C ALA F 297 10.21 -35.14 18.15
N THR F 298 9.51 -35.51 17.06
CA THR F 298 9.31 -34.55 15.97
C THR F 298 8.47 -33.37 16.41
N ASN F 299 7.44 -33.60 17.22
CA ASN F 299 6.66 -32.49 17.73
C ASN F 299 7.50 -31.58 18.62
N TYR F 300 8.32 -32.18 19.50
CA TYR F 300 9.19 -31.35 20.32
C TYR F 300 10.15 -30.53 19.47
N TYR F 301 10.76 -31.14 18.46
CA TYR F 301 11.72 -30.42 17.64
C TYR F 301 11.05 -29.42 16.70
N TRP F 302 9.77 -29.62 16.37
CA TRP F 302 9.08 -28.60 15.58
C TRP F 302 8.65 -27.42 16.44
N ILE F 303 8.38 -27.66 17.72
CA ILE F 303 8.21 -26.52 18.63
C ILE F 303 9.54 -25.76 18.76
N LEU F 304 10.65 -26.49 18.86
CA LEU F 304 11.96 -25.84 18.84
C LEU F 304 12.20 -25.08 17.55
N VAL F 305 11.73 -25.61 16.42
CA VAL F 305 11.89 -24.92 15.14
C VAL F 305 11.03 -23.66 15.09
N GLU F 306 9.83 -23.72 15.69
CA GLU F 306 9.05 -22.51 15.88
C GLU F 306 9.89 -21.44 16.57
N GLY F 307 10.51 -21.81 17.70
CA GLY F 307 11.32 -20.86 18.44
C GLY F 307 12.50 -20.36 17.64
N LEU F 308 13.17 -21.26 16.93
CA LEU F 308 14.34 -20.88 16.13
C LEU F 308 13.99 -19.90 15.03
N TYR F 309 12.87 -20.14 14.33
CA TYR F 309 12.48 -19.26 13.24
C TYR F 309 12.04 -17.90 13.77
N LEU F 310 11.26 -17.87 14.85
CA LEU F 310 10.86 -16.59 15.41
C LEU F 310 12.06 -15.82 15.95
N HIS F 311 13.05 -16.54 16.48
CA HIS F 311 14.28 -15.90 16.95
C HIS F 311 15.10 -15.36 15.79
N SER F 312 15.12 -16.10 14.68
CA SER F 312 15.90 -15.67 13.51
C SER F 312 15.27 -14.45 12.84
N LEU F 313 13.94 -14.39 12.80
CA LEU F 313 13.29 -13.24 12.19
C LEU F 313 13.66 -11.95 12.89
N ILE F 314 13.86 -11.99 14.20
CA ILE F 314 14.08 -10.79 15.00
C ILE F 314 15.56 -10.53 15.23
N PHE F 315 16.25 -11.43 15.93
CA PHE F 315 17.60 -11.15 16.37
C PHE F 315 18.63 -11.24 15.25
N MET F 316 18.44 -12.11 14.27
CA MET F 316 19.25 -12.03 13.05
C MET F 316 18.82 -10.78 12.29
N ALA F 317 19.80 -9.98 11.87
CA ALA F 317 19.51 -8.64 11.38
C ALA F 317 18.51 -8.65 10.23
N PHE F 318 18.77 -9.47 9.21
CA PHE F 318 17.89 -9.56 8.04
C PHE F 318 17.90 -11.01 7.56
N PHE F 319 16.78 -11.69 7.75
CA PHE F 319 16.68 -13.12 7.47
C PHE F 319 16.79 -13.39 5.98
N SER F 320 17.27 -14.60 5.65
CA SER F 320 17.38 -15.09 4.27
C SER F 320 16.65 -16.43 4.21
N GLU F 321 15.50 -16.42 3.53
CA GLU F 321 14.63 -17.59 3.49
C GLU F 321 15.30 -18.81 2.84
N LYS F 322 15.96 -18.60 1.70
CA LYS F 322 16.52 -19.72 0.95
C LYS F 322 17.65 -20.42 1.71
N LYS F 323 18.34 -19.70 2.60
CA LYS F 323 19.50 -20.28 3.27
C LYS F 323 19.13 -21.27 4.36
N TYR F 324 17.93 -21.15 4.96
CA TYR F 324 17.69 -21.85 6.21
C TYR F 324 16.40 -22.67 6.23
N LEU F 325 15.45 -22.37 5.34
CA LEU F 325 14.15 -23.04 5.40
C LEU F 325 14.30 -24.56 5.23
N TRP F 326 15.01 -25.00 4.19
CA TRP F 326 15.25 -26.42 4.04
C TRP F 326 16.04 -26.97 5.21
N GLY F 327 16.99 -26.19 5.73
CA GLY F 327 17.73 -26.60 6.90
C GLY F 327 16.85 -26.78 8.12
N PHE F 328 15.95 -25.83 8.36
CA PHE F 328 15.02 -25.96 9.48
C PHE F 328 14.12 -27.17 9.32
N THR F 329 13.60 -27.39 8.11
CA THR F 329 12.71 -28.52 7.89
C THR F 329 13.42 -29.85 8.13
N VAL F 330 14.61 -30.02 7.54
CA VAL F 330 15.34 -31.26 7.74
C VAL F 330 15.79 -31.42 9.17
N PHE F 331 16.16 -30.33 9.86
CA PHE F 331 16.49 -30.42 11.28
C PHE F 331 15.30 -30.95 12.07
N GLY F 332 14.14 -30.31 11.91
CA GLY F 332 12.98 -30.66 12.71
C GLY F 332 12.45 -32.06 12.43
N TRP F 333 12.57 -32.53 11.19
CA TRP F 333 12.08 -33.86 10.87
C TRP F 333 13.16 -34.94 10.94
N GLY F 334 14.43 -34.58 11.07
CA GLY F 334 15.48 -35.57 11.01
C GLY F 334 16.32 -35.78 12.25
N LEU F 335 16.58 -34.72 13.03
CA LEU F 335 17.33 -34.97 14.26
C LEU F 335 16.56 -35.91 15.19
N PRO F 336 15.25 -35.71 15.39
CA PRO F 336 14.47 -36.77 16.05
C PRO F 336 14.60 -38.11 15.36
N ALA F 337 14.57 -38.13 14.03
CA ALA F 337 14.78 -39.38 13.31
C ALA F 337 16.16 -39.95 13.56
N VAL F 338 17.19 -39.10 13.62
CA VAL F 338 18.55 -39.59 13.83
C VAL F 338 18.67 -40.29 15.19
N PHE F 339 18.23 -39.62 16.26
CA PHE F 339 18.45 -40.26 17.55
C PHE F 339 17.46 -41.38 17.82
N VAL F 340 16.27 -41.33 17.21
CA VAL F 340 15.36 -42.48 17.32
C VAL F 340 15.94 -43.69 16.60
N ALA F 341 16.55 -43.49 15.43
CA ALA F 341 17.19 -44.60 14.71
C ALA F 341 18.37 -45.15 15.50
N VAL F 342 19.16 -44.27 16.11
CA VAL F 342 20.27 -44.73 16.95
C VAL F 342 19.76 -45.55 18.11
N TRP F 343 18.69 -45.09 18.77
CA TRP F 343 18.11 -45.83 19.88
C TRP F 343 17.58 -47.18 19.42
N VAL F 344 16.93 -47.21 18.25
CA VAL F 344 16.39 -48.47 17.73
C VAL F 344 17.51 -49.47 17.48
N SER F 345 18.60 -48.99 16.86
CA SER F 345 19.72 -49.89 16.59
C SER F 345 20.34 -50.41 17.88
N VAL F 346 20.53 -49.53 18.87
CA VAL F 346 21.14 -49.95 20.13
C VAL F 346 20.22 -50.94 20.85
N ARG F 347 18.92 -50.68 20.84
CA ARG F 347 17.96 -51.57 21.51
C ARG F 347 17.91 -52.92 20.83
N ALA F 348 17.95 -52.95 19.49
CA ALA F 348 17.90 -54.21 18.77
C ALA F 348 19.20 -54.99 18.91
N THR F 349 20.32 -54.30 19.10
CA THR F 349 21.61 -54.97 19.24
C THR F 349 21.85 -55.49 20.66
N LEU F 350 21.42 -54.74 21.67
CA LEU F 350 21.79 -55.05 23.05
C LEU F 350 20.63 -55.61 23.88
N ALA F 351 19.40 -55.23 23.60
CA ALA F 351 18.28 -55.76 24.37
C ALA F 351 17.38 -56.65 23.54
N ASN F 352 16.80 -56.11 22.47
CA ASN F 352 15.96 -56.84 21.53
C ASN F 352 14.98 -57.77 22.24
N THR F 353 14.28 -57.23 23.24
CA THR F 353 13.35 -58.02 24.03
C THR F 353 12.05 -57.25 24.20
N GLY F 354 10.95 -58.01 24.27
CA GLY F 354 9.64 -57.43 24.47
C GLY F 354 9.21 -56.52 23.33
N CYS F 355 8.34 -55.58 23.67
CA CYS F 355 7.86 -54.55 22.76
C CYS F 355 8.78 -53.35 22.68
N TRP F 356 9.92 -53.39 23.38
CA TRP F 356 10.72 -52.21 23.69
C TRP F 356 9.94 -51.21 24.56
N ASP F 357 8.75 -51.61 24.99
CA ASP F 357 7.97 -50.80 25.92
C ASP F 357 8.66 -50.71 27.27
N LEU F 358 9.23 -51.81 27.75
CA LEU F 358 10.02 -51.81 28.97
C LEU F 358 11.33 -51.05 28.75
N SER F 359 11.78 -50.39 29.80
CA SER F 359 13.07 -49.72 29.77
C SER F 359 14.19 -50.71 30.04
N SER F 360 15.31 -50.50 29.35
CA SER F 360 16.49 -51.35 29.46
C SER F 360 17.67 -50.48 29.85
N GLY F 361 17.96 -50.42 31.15
CA GLY F 361 19.08 -49.64 31.64
C GLY F 361 18.98 -48.16 31.29
N ASN F 362 20.02 -47.62 30.68
CA ASN F 362 20.07 -46.21 30.31
C ASN F 362 19.86 -45.98 28.82
N LYS F 363 19.34 -46.98 28.09
CA LYS F 363 19.08 -46.79 26.67
C LYS F 363 18.03 -45.71 26.43
N LYS F 364 17.03 -45.61 27.30
CA LYS F 364 15.92 -44.70 27.09
C LYS F 364 16.38 -43.26 26.90
N TRP F 365 17.41 -42.84 27.64
CA TRP F 365 17.87 -41.47 27.55
C TRP F 365 18.30 -41.09 26.14
N ILE F 366 18.70 -42.07 25.33
CA ILE F 366 19.12 -41.78 23.95
C ILE F 366 18.03 -41.00 23.22
N ILE F 367 16.78 -41.19 23.60
CA ILE F 367 15.70 -40.37 23.04
C ILE F 367 15.28 -39.27 24.00
N GLN F 368 15.31 -39.54 25.32
CA GLN F 368 14.74 -38.58 26.25
C GLN F 368 15.65 -37.38 26.47
N VAL F 369 16.96 -37.59 26.53
CA VAL F 369 17.92 -36.51 26.72
C VAL F 369 17.90 -35.52 25.56
N PRO F 370 17.96 -35.96 24.29
CA PRO F 370 17.87 -34.98 23.19
C PRO F 370 16.58 -34.19 23.17
N ILE F 371 15.47 -34.80 23.56
CA ILE F 371 14.21 -34.08 23.64
C ILE F 371 14.29 -33.00 24.71
N LEU F 372 14.80 -33.35 25.89
CA LEU F 372 14.85 -32.40 26.99
C LEU F 372 15.67 -31.17 26.65
N ALA F 373 16.75 -31.35 25.87
CA ALA F 373 17.54 -30.22 25.43
C ALA F 373 16.72 -29.26 24.59
N SER F 374 15.87 -29.78 23.71
CA SER F 374 14.98 -28.92 22.95
C SER F 374 14.00 -28.19 23.84
N ILE F 375 13.70 -28.75 25.02
CA ILE F 375 12.91 -28.03 26.01
C ILE F 375 13.74 -26.93 26.67
N VAL F 376 15.03 -27.21 26.89
CA VAL F 376 15.91 -26.21 27.51
C VAL F 376 16.05 -25.00 26.60
N LEU F 377 16.60 -25.22 25.39
CA LEU F 377 16.92 -24.12 24.50
C LEU F 377 15.69 -23.29 24.16
N ASN F 378 14.57 -23.97 23.88
CA ASN F 378 13.37 -23.26 23.49
C ASN F 378 12.80 -22.44 24.66
N PHE F 379 13.15 -22.78 25.89
CA PHE F 379 12.86 -21.86 26.99
C PHE F 379 13.74 -20.62 26.93
N ILE F 380 15.05 -20.82 26.71
CA ILE F 380 15.98 -19.70 26.63
C ILE F 380 15.57 -18.76 25.50
N LEU F 381 15.11 -19.32 24.38
CA LEU F 381 14.54 -18.50 23.32
C LEU F 381 13.32 -17.73 23.83
N PHE F 382 12.37 -18.42 24.46
CA PHE F 382 11.09 -17.83 24.81
C PHE F 382 11.28 -16.55 25.60
N ILE F 383 11.92 -16.64 26.77
CA ILE F 383 12.11 -15.47 27.61
C ILE F 383 12.82 -14.38 26.83
N ASN F 384 13.83 -14.75 26.04
CA ASN F 384 14.58 -13.74 25.29
C ASN F 384 13.66 -12.99 24.34
N ILE F 385 12.77 -13.70 23.64
CA ILE F 385 11.79 -13.00 22.81
C ILE F 385 10.88 -12.15 23.67
N VAL F 386 10.42 -12.70 24.80
CA VAL F 386 9.62 -11.90 25.72
C VAL F 386 10.44 -10.71 26.21
N ARG F 387 11.76 -10.85 26.24
CA ARG F 387 12.60 -9.70 26.55
C ARG F 387 12.52 -8.66 25.44
N VAL F 388 12.71 -9.06 24.19
CA VAL F 388 12.90 -8.08 23.13
C VAL F 388 11.60 -7.32 22.87
N LEU F 389 10.46 -8.01 22.95
CA LEU F 389 9.18 -7.32 22.85
C LEU F 389 9.07 -6.23 23.91
N ALA F 390 9.55 -6.52 25.13
CA ALA F 390 9.60 -5.49 26.15
C ALA F 390 10.35 -4.27 25.67
N THR F 391 11.53 -4.48 25.07
CA THR F 391 12.27 -3.36 24.50
C THR F 391 11.48 -2.71 23.38
N LYS F 392 10.81 -3.51 22.54
CA LYS F 392 9.93 -2.94 21.52
C LYS F 392 8.80 -2.16 22.17
N LEU F 393 8.36 -2.60 23.35
CA LEU F 393 7.33 -1.85 24.07
C LEU F 393 7.94 -0.73 24.90
N ARG F 394 9.26 -0.72 25.07
CA ARG F 394 9.91 0.32 25.85
C ARG F 394 10.31 1.50 24.99
N GLU F 395 10.98 1.24 23.87
CA GLU F 395 11.46 2.30 22.99
C GLU F 395 10.33 3.02 22.26
N THR F 396 9.10 2.50 22.30
CA THR F 396 7.95 3.18 21.74
C THR F 396 6.89 3.46 22.79
N THR F 403 3.65 1.86 31.26
CA THR F 403 2.22 2.13 31.36
C THR F 403 1.43 0.84 31.52
N ARG F 404 0.14 0.98 31.87
CA ARG F 404 -0.72 -0.19 32.02
C ARG F 404 -0.87 -0.94 30.71
N GLN F 405 -1.10 -0.20 29.61
CA GLN F 405 -1.29 -0.84 28.31
C GLN F 405 -0.03 -1.56 27.85
N GLN F 406 1.14 -0.97 28.12
CA GLN F 406 2.39 -1.59 27.69
C GLN F 406 2.58 -2.96 28.32
N TYR F 407 2.48 -3.04 29.65
CA TYR F 407 2.65 -4.31 30.34
C TYR F 407 1.50 -5.27 30.06
N ARG F 408 0.28 -4.75 29.87
CA ARG F 408 -0.84 -5.62 29.51
C ARG F 408 -0.60 -6.28 28.15
N LYS F 409 -0.10 -5.52 27.17
CA LYS F 409 0.19 -6.09 25.86
C LYS F 409 1.37 -7.06 25.94
N LEU F 410 2.37 -6.77 26.77
CA LEU F 410 3.46 -7.72 26.96
C LEU F 410 2.95 -9.03 27.56
N LEU F 411 2.06 -8.94 28.55
CA LEU F 411 1.46 -10.13 29.14
C LEU F 411 0.64 -10.90 28.11
N LYS F 412 -0.12 -10.20 27.28
CA LYS F 412 -0.91 -10.86 26.24
C LYS F 412 0.00 -11.59 25.26
N SER F 413 1.09 -10.95 24.85
CA SER F 413 2.04 -11.59 23.94
C SER F 413 2.67 -12.82 24.58
N THR F 414 3.05 -12.72 25.85
CA THR F 414 3.61 -13.89 26.53
C THR F 414 2.59 -15.03 26.61
N LEU F 415 1.33 -14.71 26.93
CA LEU F 415 0.32 -15.75 27.06
C LEU F 415 0.04 -16.43 25.72
N VAL F 416 -0.01 -15.65 24.63
CA VAL F 416 -0.26 -16.26 23.34
C VAL F 416 0.97 -16.97 22.80
N LEU F 417 2.17 -16.59 23.27
CA LEU F 417 3.38 -17.31 22.89
C LEU F 417 3.61 -18.53 23.76
N MET F 418 2.85 -18.64 24.85
CA MET F 418 2.97 -19.79 25.75
C MET F 418 2.77 -21.13 25.03
N PRO F 419 1.72 -21.34 24.23
CA PRO F 419 1.53 -22.67 23.64
C PRO F 419 2.46 -22.97 22.47
N LEU F 420 2.80 -21.96 21.66
CA LEU F 420 3.64 -22.21 20.50
C LEU F 420 5.05 -22.66 20.91
N PHE F 421 5.59 -22.06 21.96
CA PHE F 421 6.94 -22.38 22.40
C PHE F 421 7.01 -23.57 23.33
N GLY F 422 5.87 -24.12 23.75
CA GLY F 422 5.87 -25.29 24.60
C GLY F 422 6.63 -25.08 25.89
N VAL F 423 6.37 -23.96 26.56
CA VAL F 423 7.14 -23.59 27.73
C VAL F 423 6.75 -24.43 28.94
N HIS F 424 5.51 -24.93 28.99
CA HIS F 424 5.03 -25.62 30.18
C HIS F 424 5.81 -26.88 30.49
N TYR F 425 6.61 -27.39 29.55
CA TYR F 425 7.47 -28.52 29.83
C TYR F 425 8.49 -28.19 30.92
N ILE F 426 9.03 -26.97 30.89
CA ILE F 426 10.18 -26.61 31.73
C ILE F 426 9.86 -26.79 33.21
N VAL F 427 8.57 -26.79 33.58
CA VAL F 427 8.20 -26.97 34.98
C VAL F 427 8.64 -28.35 35.47
N PHE F 428 8.36 -29.39 34.69
CA PHE F 428 8.66 -30.75 35.08
C PHE F 428 9.71 -31.40 34.18
N MET F 429 10.54 -30.59 33.54
CA MET F 429 11.59 -31.10 32.66
C MET F 429 12.63 -31.91 33.44
N ALA F 430 13.03 -31.40 34.61
CA ALA F 430 14.15 -31.97 35.34
C ALA F 430 13.77 -33.07 36.31
N THR F 431 12.49 -33.38 36.46
CA THR F 431 12.09 -34.42 37.38
C THR F 431 12.55 -35.78 36.88
N PRO F 432 13.21 -36.59 37.71
CA PRO F 432 13.61 -37.94 37.27
C PRO F 432 12.43 -38.90 37.26
N TYR F 433 12.69 -40.18 37.02
CA TYR F 433 11.62 -41.18 36.94
C TYR F 433 11.05 -41.39 38.35
N THR F 434 9.93 -40.74 38.62
CA THR F 434 9.32 -40.81 39.94
C THR F 434 8.56 -42.12 40.10
N GLU F 435 8.39 -42.53 41.36
CA GLU F 435 7.60 -43.71 41.70
C GLU F 435 6.13 -43.40 41.49
N VAL F 436 5.37 -44.40 41.03
CA VAL F 436 3.99 -44.17 40.64
C VAL F 436 3.16 -43.72 41.84
N SER F 437 3.36 -44.35 42.99
CA SER F 437 2.64 -43.98 44.21
C SER F 437 3.31 -42.73 44.79
N GLY F 438 2.63 -41.59 44.69
CA GLY F 438 3.16 -40.35 45.20
C GLY F 438 2.48 -39.12 44.62
N THR F 439 2.32 -38.08 45.44
CA THR F 439 1.62 -36.87 44.98
C THR F 439 2.38 -36.18 43.86
N LEU F 440 3.71 -36.14 43.93
CA LEU F 440 4.49 -35.52 42.86
C LEU F 440 4.24 -36.23 41.53
N TRP F 441 4.22 -37.56 41.53
CA TRP F 441 3.97 -38.30 40.30
C TRP F 441 2.58 -38.00 39.77
N GLN F 442 1.58 -37.97 40.67
CA GLN F 442 0.21 -37.73 40.22
C GLN F 442 0.06 -36.35 39.60
N VAL F 443 0.60 -35.32 40.26
CA VAL F 443 0.46 -33.96 39.73
C VAL F 443 1.24 -33.82 38.43
N GLN F 444 2.45 -34.38 38.38
CA GLN F 444 3.25 -34.31 37.15
C GLN F 444 2.53 -34.98 35.99
N MET F 445 2.06 -36.21 36.19
CA MET F 445 1.40 -36.94 35.12
C MET F 445 0.12 -36.23 34.68
N HIS F 446 -0.75 -35.85 35.62
CA HIS F 446 -2.00 -35.23 35.22
C HIS F 446 -1.77 -33.88 34.55
N TYR F 447 -0.92 -33.04 35.13
CA TYR F 447 -0.60 -31.74 34.53
C TYR F 447 -0.05 -31.90 33.13
N GLU F 448 0.94 -32.78 32.96
CA GLU F 448 1.57 -32.91 31.66
C GLU F 448 0.63 -33.54 30.64
N MET F 449 -0.15 -34.55 31.04
CA MET F 449 -1.11 -35.14 30.09
C MET F 449 -2.10 -34.10 29.61
N LEU F 450 -2.72 -33.38 30.54
CA LEU F 450 -3.73 -32.39 30.16
C LEU F 450 -3.12 -31.30 29.28
N PHE F 451 -2.01 -30.72 29.73
CA PHE F 451 -1.43 -29.61 28.99
C PHE F 451 -0.92 -30.04 27.62
N ASN F 452 -0.25 -31.20 27.54
CA ASN F 452 0.27 -31.67 26.26
C ASN F 452 -0.86 -32.01 25.31
N SER F 453 -1.92 -32.65 25.82
CA SER F 453 -3.05 -32.99 24.96
C SER F 453 -3.74 -31.75 24.41
N PHE F 454 -3.91 -30.72 25.23
CA PHE F 454 -4.61 -29.53 24.78
C PHE F 454 -3.70 -28.45 24.19
N GLN F 455 -2.38 -28.70 24.15
CA GLN F 455 -1.47 -27.74 23.56
C GLN F 455 -1.71 -27.57 22.06
N GLY F 456 -1.97 -28.68 21.35
CA GLY F 456 -2.31 -28.56 19.94
C GLY F 456 -3.60 -27.80 19.72
N PHE F 457 -4.59 -28.04 20.57
CA PHE F 457 -5.84 -27.28 20.50
C PHE F 457 -5.58 -25.79 20.69
N PHE F 458 -4.80 -25.43 21.71
CA PHE F 458 -4.49 -24.03 21.97
C PHE F 458 -3.74 -23.39 20.80
N VAL F 459 -2.77 -24.13 20.24
CA VAL F 459 -2.00 -23.60 19.11
C VAL F 459 -2.91 -23.36 17.92
N ALA F 460 -3.79 -24.32 17.62
CA ALA F 460 -4.72 -24.15 16.51
C ALA F 460 -5.66 -22.97 16.74
N ILE F 461 -6.16 -22.81 17.97
CA ILE F 461 -7.06 -21.71 18.28
C ILE F 461 -6.35 -20.37 18.08
N ILE F 462 -5.12 -20.27 18.59
CA ILE F 462 -4.45 -18.97 18.61
C ILE F 462 -3.94 -18.60 17.22
N TYR F 463 -3.24 -19.52 16.57
CA TYR F 463 -2.48 -19.19 15.37
C TYR F 463 -3.25 -19.41 14.07
N CYS F 464 -4.41 -20.06 14.14
CA CYS F 464 -5.23 -20.16 12.93
C CYS F 464 -6.61 -19.51 13.13
N PHE F 465 -7.33 -19.94 14.17
CA PHE F 465 -8.73 -19.53 14.30
C PHE F 465 -8.85 -18.10 14.81
N CYS F 466 -7.99 -17.69 15.73
CA CYS F 466 -8.02 -16.33 16.25
C CYS F 466 -7.13 -15.37 15.47
N ASN F 467 -6.37 -15.88 14.51
CA ASN F 467 -5.46 -15.03 13.74
C ASN F 467 -6.28 -14.03 12.92
N GLY F 468 -5.85 -12.77 12.93
CA GLY F 468 -6.60 -11.74 12.22
C GLY F 468 -6.64 -11.95 10.72
N GLU F 469 -5.49 -12.31 10.12
CA GLU F 469 -5.45 -12.51 8.67
C GLU F 469 -6.31 -13.69 8.25
N VAL F 470 -6.26 -14.79 9.01
CA VAL F 470 -7.06 -15.96 8.67
C VAL F 470 -8.55 -15.66 8.83
N GLN F 471 -8.91 -14.93 9.89
CA GLN F 471 -10.30 -14.53 10.05
C GLN F 471 -10.76 -13.63 8.91
N ALA F 472 -9.90 -12.71 8.46
CA ALA F 472 -10.25 -11.86 7.32
C ALA F 472 -10.47 -12.70 6.08
N GLU F 473 -9.60 -13.69 5.84
CA GLU F 473 -9.77 -14.59 4.69
C GLU F 473 -11.09 -15.36 4.79
N ILE F 474 -11.41 -15.87 5.98
CA ILE F 474 -12.64 -16.64 6.16
C ILE F 474 -13.86 -15.76 5.90
N LYS F 475 -13.85 -14.54 6.47
CA LYS F 475 -14.98 -13.63 6.29
C LYS F 475 -15.14 -13.23 4.83
N LYS F 476 -14.03 -12.95 4.14
CA LYS F 476 -14.12 -12.57 2.73
C LYS F 476 -14.64 -13.73 1.88
N SER F 477 -14.16 -14.95 2.15
CA SER F 477 -14.65 -16.10 1.41
C SER F 477 -16.14 -16.31 1.65
N TRP F 478 -16.58 -16.19 2.90
CA TRP F 478 -18.00 -16.36 3.21
C TRP F 478 -18.85 -15.28 2.54
N SER F 479 -18.39 -14.03 2.57
CA SER F 479 -19.13 -12.93 1.97
C SER F 479 -19.23 -13.11 0.46
N ARG F 480 -18.13 -13.49 -0.18
CA ARG F 480 -18.17 -13.70 -1.62
C ARG F 480 -19.01 -14.90 -2.01
N TRP F 481 -19.00 -15.96 -1.19
CA TRP F 481 -19.85 -17.12 -1.45
C TRP F 481 -21.32 -16.75 -1.33
N THR F 482 -21.66 -15.94 -0.32
CA THR F 482 -23.04 -15.48 -0.18
C THR F 482 -23.46 -14.55 -1.32
#